data_7YTH
#
_entry.id   7YTH
#
_cell.length_a   79.780
_cell.length_b   122.950
_cell.length_c   141.460
_cell.angle_alpha   90.000
_cell.angle_beta   90.000
_cell.angle_gamma   90.000
#
_symmetry.space_group_name_H-M   'P 21 21 21'
#
loop_
_entity.id
_entity.type
_entity.pdbx_description
1 polymer 'Ketosteroid isomerase-related protein'
2 water water
#
_entity_poly.entity_id   1
_entity_poly.type   'polypeptide(L)'
_entity_poly.pdbx_seq_one_letter_code
;MSFTIQSAQSIFPGTLVADIVPTVVESFSQLNAEDQLALLWFAYTEMGRSITVAAPGAANMILAQGLLEQIKQMPFEAQT
QVMYDLANRADTPLCRSYASFTVNIKLGFWYQLGEWMAQGIVAPIPEGYKLSPKAADVLQAIRNADSGQQITILRNTVIS
MGFDPNAPGSYKKVTEPVSPPTAPAFRTKVTIEGINNATVLGYINNMNANDFDAAVALFRSEGALQPPFERPIVGQDAIR
AYMREECQGLKMIPERGISEPVEDGYTQVKVTGKVQTPWFGASVGMNIAWRFLIDPQGKIFFVAIDLLASPKELLNLVRK
HHHHHH
;
_entity_poly.pdbx_strand_id   A,B,C,D
#
# COMPACT_ATOMS: atom_id res chain seq x y z
N SER A 2 33.03 -15.35 41.55
CA SER A 2 33.20 -15.76 40.12
C SER A 2 32.78 -14.59 39.22
N PHE A 3 32.45 -14.85 37.94
CA PHE A 3 32.27 -13.75 36.95
C PHE A 3 30.95 -13.03 37.22
N THR A 4 30.98 -11.73 36.95
CA THR A 4 29.78 -10.87 36.92
C THR A 4 29.81 -10.15 35.57
N ILE A 5 28.67 -9.66 35.10
CA ILE A 5 28.63 -8.79 33.89
C ILE A 5 29.73 -7.74 34.06
N GLN A 6 29.90 -7.27 35.29
CA GLN A 6 30.87 -6.20 35.65
C GLN A 6 32.30 -6.66 35.36
N SER A 7 32.72 -7.84 35.82
CA SER A 7 34.08 -8.38 35.54
C SER A 7 34.24 -8.78 34.06
N ALA A 8 33.20 -9.32 33.42
CA ALA A 8 33.21 -9.73 31.98
C ALA A 8 33.61 -8.53 31.12
N GLN A 9 33.12 -7.34 31.47
CA GLN A 9 33.29 -6.12 30.65
C GLN A 9 34.78 -5.78 30.50
N SER A 10 35.64 -6.21 31.40
CA SER A 10 37.08 -5.87 31.38
C SER A 10 37.92 -6.94 30.66
N ILE A 11 37.34 -8.00 30.05
CA ILE A 11 38.16 -9.02 29.31
C ILE A 11 38.92 -8.36 28.16
N PHE A 12 40.14 -8.82 27.87
CA PHE A 12 40.99 -8.28 26.77
C PHE A 12 41.18 -6.77 26.92
N PRO A 13 41.77 -6.34 28.06
CA PRO A 13 41.98 -4.91 28.34
C PRO A 13 42.71 -4.09 27.25
N GLY A 14 43.56 -4.65 26.42
CA GLY A 14 44.16 -3.70 25.45
C GLY A 14 43.23 -3.06 24.40
N THR A 15 41.92 -3.35 24.33
CA THR A 15 41.23 -3.23 23.00
C THR A 15 40.67 -1.82 22.81
N LEU A 16 41.28 -1.12 21.89
CA LEU A 16 41.11 0.36 21.73
C LEU A 16 39.87 0.62 20.87
N VAL A 17 38.91 1.33 21.41
CA VAL A 17 37.63 1.61 20.71
C VAL A 17 37.67 3.04 20.14
N ALA A 18 36.79 3.33 19.19
CA ALA A 18 36.71 4.66 18.55
C ALA A 18 36.00 5.64 19.50
N ASP A 19 36.66 6.09 20.57
CA ASP A 19 36.07 7.03 21.56
C ASP A 19 35.70 8.38 20.88
N ILE A 20 36.18 8.67 19.68
CA ILE A 20 35.78 9.89 18.93
C ILE A 20 34.25 9.85 18.70
N VAL A 21 33.69 8.67 18.46
CA VAL A 21 32.22 8.52 18.18
C VAL A 21 31.40 9.08 19.35
N PRO A 22 31.45 8.57 20.60
CA PRO A 22 30.62 9.13 21.66
C PRO A 22 30.99 10.58 21.99
N THR A 23 32.26 10.97 21.78
CA THR A 23 32.71 12.37 21.95
C THR A 23 31.86 13.26 21.04
N VAL A 24 31.86 12.98 19.74
CA VAL A 24 31.14 13.82 18.75
C VAL A 24 29.65 13.71 19.02
N VAL A 25 29.10 12.51 19.28
CA VAL A 25 27.63 12.36 19.58
C VAL A 25 27.24 13.30 20.71
N GLU A 26 28.04 13.38 21.76
CA GLU A 26 27.70 14.17 22.97
C GLU A 26 27.77 15.67 22.61
N SER A 27 28.88 16.11 22.00
CA SER A 27 29.17 17.48 21.52
C SER A 27 28.00 17.96 20.68
N PHE A 28 27.64 17.14 19.68
CA PHE A 28 26.51 17.38 18.75
C PHE A 28 25.25 17.74 19.53
N SER A 29 24.90 16.93 20.53
CA SER A 29 23.64 17.04 21.32
C SER A 29 23.62 18.30 22.19
N GLN A 30 24.76 18.97 22.39
CA GLN A 30 24.85 20.22 23.19
C GLN A 30 24.57 21.45 22.29
N LEU A 31 24.57 21.29 20.97
CA LEU A 31 24.42 22.43 20.03
C LEU A 31 22.95 22.83 19.99
N ASN A 32 22.63 24.03 19.48
CA ASN A 32 21.22 24.44 19.30
C ASN A 32 20.64 23.72 18.07
N ALA A 33 19.33 23.78 17.90
CA ALA A 33 18.63 23.04 16.82
C ALA A 33 19.17 23.46 15.44
N GLU A 34 19.40 24.76 15.21
CA GLU A 34 19.85 25.25 13.89
C GLU A 34 21.20 24.63 13.54
N ASP A 35 22.15 24.59 14.48
CA ASP A 35 23.49 23.98 14.27
C ASP A 35 23.34 22.47 14.04
N GLN A 36 22.49 21.82 14.82
CA GLN A 36 22.27 20.36 14.70
C GLN A 36 21.82 20.01 13.30
N LEU A 37 20.78 20.67 12.77
CA LEU A 37 20.24 20.39 11.43
C LEU A 37 21.27 20.70 10.33
N ALA A 38 22.02 21.81 10.47
CA ALA A 38 23.06 22.20 9.50
C ALA A 38 24.11 21.07 9.41
N LEU A 39 24.55 20.60 10.58
CA LEU A 39 25.57 19.52 10.70
C LEU A 39 25.04 18.21 10.09
N LEU A 40 23.79 17.86 10.39
CA LEU A 40 23.19 16.66 9.76
C LEU A 40 23.28 16.81 8.25
N TRP A 41 22.88 17.96 7.72
CA TRP A 41 22.88 18.17 6.24
C TRP A 41 24.33 18.10 5.73
N PHE A 42 25.27 18.80 6.37
CA PHE A 42 26.67 18.85 5.86
C PHE A 42 27.26 17.43 5.91
N ALA A 43 26.96 16.66 6.96
CA ALA A 43 27.43 15.26 7.13
C ALA A 43 26.80 14.36 6.08
N TYR A 44 25.48 14.44 5.86
CA TYR A 44 24.72 13.54 4.95
C TYR A 44 25.10 13.83 3.50
N THR A 45 25.42 15.09 3.18
CA THR A 45 25.80 15.58 1.83
C THR A 45 27.07 14.87 1.33
N GLU A 46 28.04 14.60 2.19
CA GLU A 46 29.24 13.79 1.87
C GLU A 46 28.94 12.28 2.08
N MET A 47 27.75 11.82 1.71
CA MET A 47 27.28 10.42 2.00
C MET A 47 26.02 10.10 1.15
N GLY A 48 26.15 10.19 -0.19
CA GLY A 48 25.16 9.74 -1.17
C GLY A 48 25.43 8.33 -1.66
N ARG A 49 26.44 7.64 -1.08
CA ARG A 49 26.78 6.21 -1.33
C ARG A 49 25.94 5.30 -0.40
N SER A 50 24.87 5.85 0.20
CA SER A 50 23.79 5.12 0.91
C SER A 50 22.89 4.41 -0.12
N ILE A 51 22.52 3.16 0.12
CA ILE A 51 21.92 2.25 -0.91
C ILE A 51 20.70 1.54 -0.31
N THR A 52 19.64 2.31 -0.01
CA THR A 52 18.36 1.82 0.56
C THR A 52 17.18 2.42 -0.23
N ALA A 58 12.82 -0.14 6.02
CA ALA A 58 12.64 1.31 5.76
C ALA A 58 11.41 1.81 6.51
N ALA A 59 11.19 3.12 6.43
CA ALA A 59 9.97 3.84 6.88
C ALA A 59 8.89 3.73 5.77
N ASN A 60 8.81 2.58 5.10
CA ASN A 60 7.69 2.11 4.22
C ASN A 60 6.37 2.09 5.00
N MET A 61 6.48 1.77 6.28
CA MET A 61 5.37 1.37 7.15
C MET A 61 4.39 2.56 7.33
N ILE A 62 3.10 2.26 7.46
CA ILE A 62 2.01 3.27 7.22
C ILE A 62 2.16 4.50 8.15
N LEU A 63 2.49 4.34 9.43
CA LEU A 63 2.64 5.49 10.39
C LEU A 63 3.75 6.44 9.88
N ALA A 64 4.96 5.92 9.62
CA ALA A 64 6.12 6.72 9.18
C ALA A 64 5.81 7.40 7.84
N GLN A 65 5.21 6.69 6.90
CA GLN A 65 4.92 7.21 5.54
C GLN A 65 3.94 8.37 5.61
N GLY A 66 2.90 8.23 6.44
CA GLY A 66 1.89 9.28 6.62
C GLY A 66 2.47 10.51 7.31
N LEU A 67 3.36 10.34 8.29
CA LEU A 67 3.95 11.52 8.97
C LEU A 67 4.93 12.19 8.00
N LEU A 68 5.58 11.41 7.13
CA LEU A 68 6.45 12.01 6.08
C LEU A 68 5.55 12.82 5.12
N GLU A 69 4.43 12.25 4.69
CA GLU A 69 3.47 12.96 3.80
C GLU A 69 2.96 14.23 4.51
N GLN A 70 2.75 14.17 5.82
CA GLN A 70 2.36 15.37 6.60
C GLN A 70 3.45 16.43 6.48
N ILE A 71 4.73 16.06 6.62
CA ILE A 71 5.84 17.04 6.50
C ILE A 71 5.89 17.52 5.06
N LYS A 72 5.66 16.64 4.09
CA LYS A 72 5.80 17.03 2.66
C LYS A 72 4.79 18.14 2.32
N GLN A 73 3.58 18.13 2.89
CA GLN A 73 2.49 19.07 2.52
C GLN A 73 2.65 20.41 3.28
N MET A 74 3.57 20.46 4.23
CA MET A 74 3.78 21.63 5.10
C MET A 74 4.52 22.71 4.30
N PRO A 75 4.19 24.01 4.49
CA PRO A 75 5.08 25.08 4.04
C PRO A 75 6.46 24.96 4.69
N PHE A 76 7.48 25.46 3.99
CA PHE A 76 8.89 25.45 4.43
C PHE A 76 9.02 25.83 5.92
N GLU A 77 8.38 26.94 6.34
CA GLU A 77 8.42 27.42 7.75
C GLU A 77 8.02 26.29 8.69
N ALA A 78 6.92 25.60 8.43
CA ALA A 78 6.38 24.56 9.32
C ALA A 78 7.30 23.33 9.29
N GLN A 79 7.87 22.99 8.12
CA GLN A 79 8.78 21.81 7.98
C GLN A 79 10.00 22.02 8.88
N THR A 80 10.58 23.23 8.82
CA THR A 80 11.73 23.62 9.66
C THR A 80 11.37 23.51 11.15
N GLN A 81 10.19 23.95 11.56
CA GLN A 81 9.74 23.90 12.97
C GLN A 81 9.69 22.43 13.44
N VAL A 82 9.20 21.52 12.59
CA VAL A 82 9.12 20.07 12.92
C VAL A 82 10.56 19.57 13.16
N MET A 83 11.49 19.98 12.32
CA MET A 83 12.88 19.50 12.45
C MET A 83 13.52 20.13 13.71
N TYR A 84 13.23 21.40 14.05
CA TYR A 84 13.71 22.00 15.33
C TYR A 84 13.12 21.24 16.52
N ASP A 85 11.83 20.88 16.47
CA ASP A 85 11.20 20.07 17.53
C ASP A 85 11.93 18.73 17.73
N LEU A 86 12.22 18.00 16.65
CA LEU A 86 12.97 16.71 16.74
C LEU A 86 14.33 16.95 17.41
N ALA A 87 15.08 17.95 16.93
CA ALA A 87 16.43 18.29 17.47
C ALA A 87 16.33 18.77 18.93
N ASN A 88 15.30 19.55 19.29
CA ASN A 88 15.11 20.06 20.68
C ASN A 88 14.48 18.99 21.56
N ARG A 89 14.06 17.85 21.00
CA ARG A 89 13.36 16.80 21.81
C ARG A 89 12.13 17.42 22.50
N ALA A 90 11.39 18.26 21.78
CA ALA A 90 10.10 18.85 22.23
C ALA A 90 9.04 17.76 22.39
N ASP A 91 8.10 18.03 23.27
CA ASP A 91 6.88 17.19 23.47
C ASP A 91 5.84 17.59 22.43
N THR A 92 5.81 16.91 21.29
CA THR A 92 4.79 17.10 20.22
C THR A 92 4.39 15.70 19.74
N PRO A 93 3.17 15.54 19.23
CA PRO A 93 2.77 14.24 18.70
C PRO A 93 3.78 13.69 17.70
N LEU A 94 4.31 14.54 16.80
CA LEU A 94 5.31 14.08 15.81
C LEU A 94 6.53 13.53 16.56
N CYS A 95 7.05 14.25 17.56
CA CYS A 95 8.22 13.81 18.36
C CYS A 95 7.93 12.51 19.12
N ARG A 96 6.72 12.33 19.62
CA ARG A 96 6.31 11.12 20.35
C ARG A 96 6.16 9.95 19.38
N SER A 97 5.61 10.16 18.18
CA SER A 97 5.55 9.12 17.12
C SER A 97 6.98 8.73 16.72
N TYR A 98 7.82 9.72 16.50
CA TYR A 98 9.24 9.50 16.10
C TYR A 98 9.89 8.58 17.15
N ALA A 99 9.66 8.87 18.42
CA ALA A 99 10.21 8.10 19.56
C ALA A 99 9.74 6.66 19.48
N SER A 100 8.51 6.43 19.01
CA SER A 100 7.89 5.07 18.99
C SER A 100 8.52 4.22 17.90
N PHE A 101 9.16 4.83 16.91
CA PHE A 101 9.68 4.14 15.70
C PHE A 101 10.80 3.17 16.12
N THR A 102 11.01 2.09 15.37
CA THR A 102 12.24 1.29 15.53
C THR A 102 13.43 2.06 14.97
N VAL A 103 14.63 1.59 15.24
CA VAL A 103 15.88 2.22 14.72
C VAL A 103 15.81 2.39 13.21
N ASN A 104 15.49 1.33 12.47
CA ASN A 104 15.53 1.35 10.98
C ASN A 104 14.45 2.31 10.44
N ILE A 105 13.32 2.44 11.12
CA ILE A 105 12.28 3.41 10.68
C ILE A 105 12.79 4.84 10.94
N LYS A 106 13.43 5.07 12.09
CA LYS A 106 14.03 6.38 12.41
C LYS A 106 15.01 6.75 11.31
N LEU A 107 15.91 5.84 10.93
CA LEU A 107 16.92 6.08 9.88
C LEU A 107 16.25 6.31 8.51
N GLY A 108 15.29 5.49 8.12
CA GLY A 108 14.54 5.68 6.85
C GLY A 108 13.82 7.03 6.85
N PHE A 109 13.31 7.49 7.99
CA PHE A 109 12.58 8.78 8.14
C PHE A 109 13.54 9.92 7.79
N TRP A 110 14.73 9.93 8.40
CA TRP A 110 15.73 11.02 8.19
C TRP A 110 16.27 10.90 6.77
N TYR A 111 16.48 9.69 6.26
CA TYR A 111 16.92 9.48 4.87
C TYR A 111 15.89 10.15 3.92
N GLN A 112 14.59 9.98 4.14
CA GLN A 112 13.57 10.56 3.22
C GLN A 112 13.66 12.09 3.28
N LEU A 113 13.82 12.66 4.48
CA LEU A 113 13.88 14.13 4.60
C LEU A 113 15.14 14.64 3.89
N GLY A 114 16.25 13.95 4.01
CA GLY A 114 17.49 14.35 3.32
C GLY A 114 17.31 14.33 1.81
N GLU A 115 16.70 13.28 1.30
CA GLU A 115 16.46 13.17 -0.17
C GLU A 115 15.53 14.31 -0.59
N TRP A 116 14.51 14.61 0.20
CA TRP A 116 13.56 15.70 -0.13
C TRP A 116 14.27 17.07 -0.10
N MET A 117 15.15 17.28 0.86
CA MET A 117 15.92 18.54 0.95
C MET A 117 16.73 18.73 -0.33
N ALA A 118 17.40 17.66 -0.76
CA ALA A 118 18.24 17.59 -1.97
C ALA A 118 17.39 17.89 -3.21
N GLN A 119 16.09 17.56 -3.18
CA GLN A 119 15.14 17.74 -4.31
C GLN A 119 14.36 19.07 -4.23
N GLY A 120 14.53 19.86 -3.18
CA GLY A 120 13.80 21.12 -3.03
C GLY A 120 12.40 20.90 -2.47
N ILE A 121 12.07 19.70 -1.99
CA ILE A 121 10.71 19.34 -1.47
C ILE A 121 10.60 19.71 0.01
N VAL A 122 11.71 19.67 0.73
CA VAL A 122 11.78 20.08 2.14
C VAL A 122 12.75 21.26 2.25
N ALA A 123 12.40 22.21 3.12
CA ALA A 123 13.17 23.44 3.40
C ALA A 123 14.65 23.11 3.55
N PRO A 124 15.51 23.86 2.82
CA PRO A 124 16.97 23.73 3.01
C PRO A 124 17.50 24.40 4.29
N ILE A 125 18.70 24.02 4.68
CA ILE A 125 19.52 24.87 5.59
C ILE A 125 19.56 26.25 4.95
N PRO A 126 19.13 27.32 5.67
CA PRO A 126 19.00 28.65 5.07
C PRO A 126 20.29 29.03 4.35
N GLU A 127 20.17 29.72 3.20
CA GLU A 127 21.32 30.16 2.38
C GLU A 127 22.24 31.00 3.28
N GLY A 128 23.54 30.74 3.21
CA GLY A 128 24.55 31.57 3.89
C GLY A 128 24.69 31.20 5.35
N TYR A 129 23.77 30.39 5.91
CA TYR A 129 23.82 29.92 7.32
C TYR A 129 25.26 29.65 7.74
N LYS A 130 25.63 30.10 8.93
CA LYS A 130 27.02 30.02 9.43
C LYS A 130 27.02 29.22 10.72
N LEU A 131 27.82 28.14 10.77
CA LEU A 131 27.96 27.33 12.00
C LEU A 131 28.59 28.21 13.09
N SER A 132 28.04 28.16 14.31
CA SER A 132 28.69 28.58 15.57
C SER A 132 30.09 27.99 15.67
N PRO A 133 31.02 28.59 16.44
CA PRO A 133 32.40 28.08 16.58
C PRO A 133 32.47 26.60 17.00
N LYS A 134 31.69 26.24 18.02
CA LYS A 134 31.55 24.88 18.60
C LYS A 134 31.01 23.89 17.55
N ALA A 135 30.13 24.34 16.66
CA ALA A 135 29.53 23.50 15.61
C ALA A 135 30.58 23.23 14.53
N ALA A 136 31.38 24.24 14.18
CA ALA A 136 32.46 24.08 13.18
C ALA A 136 33.48 23.07 13.72
N ASP A 137 33.68 23.03 15.04
CA ASP A 137 34.60 22.08 15.74
C ASP A 137 34.01 20.67 15.61
N VAL A 138 32.70 20.52 15.84
CA VAL A 138 32.01 19.22 15.61
C VAL A 138 32.13 18.80 14.13
N LEU A 139 31.85 19.67 13.16
CA LEU A 139 31.94 19.34 11.71
C LEU A 139 33.35 18.84 11.37
N GLN A 140 34.38 19.52 11.87
CA GLN A 140 35.80 19.19 11.56
C GLN A 140 36.08 17.76 12.04
N ALA A 141 35.63 17.42 13.26
CA ALA A 141 35.85 16.09 13.86
C ALA A 141 35.16 15.03 12.98
N ILE A 142 33.96 15.33 12.49
CA ILE A 142 33.22 14.39 11.59
C ILE A 142 34.01 14.21 10.28
N ARG A 143 34.53 15.29 9.71
CA ARG A 143 35.28 15.21 8.41
C ARG A 143 36.54 14.35 8.58
N ASN A 144 37.13 14.37 9.77
CA ASN A 144 38.37 13.63 10.07
C ASN A 144 38.08 12.17 10.43
N ALA A 145 36.86 11.82 10.84
CA ALA A 145 36.58 10.45 11.33
C ALA A 145 36.60 9.52 10.12
N ASP A 146 37.06 8.27 10.28
CA ASP A 146 36.96 7.26 9.19
C ASP A 146 35.48 6.97 8.92
N SER A 147 35.20 6.38 7.77
CA SER A 147 33.86 6.03 7.25
C SER A 147 33.00 5.34 8.32
N GLY A 148 33.50 4.30 9.00
CA GLY A 148 32.70 3.54 9.97
C GLY A 148 32.30 4.43 11.12
N GLN A 149 33.20 5.33 11.49
CA GLN A 149 33.00 6.23 12.65
C GLN A 149 32.01 7.31 12.24
N GLN A 150 32.04 7.79 10.98
CA GLN A 150 31.11 8.86 10.51
C GLN A 150 29.67 8.34 10.52
N ILE A 151 29.47 7.19 9.90
CA ILE A 151 28.20 6.40 9.87
C ILE A 151 27.66 6.26 11.29
N THR A 152 28.49 5.80 12.23
CA THR A 152 28.05 5.53 13.61
C THR A 152 27.63 6.85 14.27
N ILE A 153 28.37 7.93 14.03
CA ILE A 153 28.01 9.24 14.65
C ILE A 153 26.61 9.70 14.18
N LEU A 154 26.33 9.58 12.89
CA LEU A 154 25.06 10.00 12.26
C LEU A 154 23.92 9.13 12.78
N ARG A 155 24.13 7.82 12.72
CA ARG A 155 23.14 6.86 13.24
C ARG A 155 22.78 7.20 14.69
N ASN A 156 23.76 7.25 15.59
CA ASN A 156 23.49 7.49 17.04
C ASN A 156 22.90 8.87 17.30
N THR A 157 23.31 9.86 16.53
CA THR A 157 22.75 11.23 16.67
C THR A 157 21.26 11.21 16.37
N VAL A 158 20.86 10.71 15.21
CA VAL A 158 19.45 10.81 14.75
C VAL A 158 18.58 9.89 15.60
N ILE A 159 19.09 8.74 16.00
CA ILE A 159 18.29 7.82 16.86
C ILE A 159 17.88 8.53 18.15
N SER A 160 18.67 9.47 18.69
CA SER A 160 18.43 10.13 20.02
C SER A 160 17.50 11.35 19.90
N MET A 161 17.05 11.69 18.71
CA MET A 161 16.13 12.85 18.50
C MET A 161 14.69 12.45 18.82
N GLY A 162 13.75 13.39 18.77
CA GLY A 162 12.37 13.23 19.27
C GLY A 162 12.37 13.03 20.77
N PHE A 163 11.27 12.55 21.31
CA PHE A 163 11.06 12.47 22.77
C PHE A 163 11.67 11.15 23.30
N ASP A 164 11.80 11.07 24.61
CA ASP A 164 12.12 9.85 25.39
C ASP A 164 11.03 8.82 25.09
N PRO A 165 11.35 7.68 24.43
CA PRO A 165 10.37 6.65 24.11
C PRO A 165 9.75 5.97 25.32
N ASN A 166 10.30 6.14 26.52
CA ASN A 166 9.79 5.43 27.73
C ASN A 166 9.26 6.47 28.73
N ALA A 167 9.09 7.73 28.31
CA ALA A 167 8.53 8.78 29.20
C ALA A 167 7.06 8.49 29.49
N PRO A 168 6.48 9.05 30.59
CA PRO A 168 5.04 9.02 30.80
C PRO A 168 4.34 9.62 29.57
N GLY A 169 3.22 9.04 29.16
CA GLY A 169 2.47 9.49 27.98
C GLY A 169 3.08 9.01 26.67
N SER A 170 4.04 8.09 26.69
CA SER A 170 4.64 7.55 25.45
C SER A 170 3.57 6.87 24.59
N TYR A 171 3.82 6.83 23.29
CA TYR A 171 2.98 6.16 22.29
C TYR A 171 3.40 4.69 22.15
N LYS A 172 2.46 3.85 21.73
CA LYS A 172 2.69 2.40 21.49
C LYS A 172 3.85 2.21 20.50
N LYS A 173 4.84 1.43 20.88
CA LYS A 173 6.03 1.19 20.03
C LYS A 173 5.57 0.49 18.77
N VAL A 174 6.11 0.89 17.64
CA VAL A 174 5.82 0.22 16.35
C VAL A 174 6.62 -1.07 16.34
N THR A 175 6.13 -2.10 15.66
CA THR A 175 6.84 -3.39 15.49
C THR A 175 7.10 -3.58 14.00
N GLU A 176 8.28 -4.07 13.65
CA GLU A 176 8.67 -4.44 12.26
C GLU A 176 8.46 -5.93 12.09
N PRO A 177 8.18 -6.40 10.84
CA PRO A 177 8.03 -7.82 10.55
C PRO A 177 9.38 -8.55 10.79
N VAL A 178 9.35 -9.75 11.35
CA VAL A 178 10.56 -10.61 11.57
C VAL A 178 10.89 -11.38 10.27
N SER A 179 12.01 -11.07 9.63
CA SER A 179 12.51 -11.73 8.40
C SER A 179 12.83 -13.21 8.66
N PRO A 180 12.36 -14.15 7.80
CA PRO A 180 12.66 -15.57 8.00
C PRO A 180 14.16 -15.76 7.84
N PRO A 181 14.80 -16.63 8.65
CA PRO A 181 16.23 -16.81 8.52
C PRO A 181 16.59 -17.51 7.20
N THR A 182 17.85 -17.40 6.81
CA THR A 182 18.44 -18.20 5.71
C THR A 182 18.31 -19.68 6.03
N ALA A 183 17.81 -20.47 5.08
CA ALA A 183 17.65 -21.92 5.27
C ALA A 183 19.05 -22.53 5.37
N PRO A 184 19.24 -23.56 6.22
CA PRO A 184 20.57 -24.12 6.48
C PRO A 184 21.39 -24.51 5.23
N ALA A 185 20.76 -25.07 4.21
CA ALA A 185 21.43 -25.43 2.92
C ALA A 185 22.06 -24.22 2.23
N PHE A 186 21.61 -22.97 2.50
CA PHE A 186 22.07 -21.78 1.74
C PHE A 186 22.94 -20.87 2.60
N ARG A 187 23.27 -21.27 3.83
CA ARG A 187 24.11 -20.45 4.75
C ARG A 187 25.58 -20.54 4.35
N THR A 188 26.29 -19.44 4.55
CA THR A 188 27.77 -19.37 4.63
C THR A 188 28.26 -19.87 5.99
N LYS A 189 29.46 -20.43 6.02
CA LYS A 189 30.22 -20.75 7.25
C LYS A 189 31.41 -19.81 7.29
N VAL A 190 31.63 -19.09 8.38
CA VAL A 190 32.81 -18.20 8.49
C VAL A 190 34.00 -19.09 8.83
N THR A 191 35.21 -18.59 8.60
CA THR A 191 36.46 -19.27 9.02
C THR A 191 37.28 -18.18 9.70
N ILE A 192 37.78 -18.45 10.88
CA ILE A 192 38.55 -17.45 11.65
C ILE A 192 39.95 -18.02 11.87
N GLU A 193 40.99 -17.28 11.49
CA GLU A 193 42.37 -17.75 11.73
C GLU A 193 42.61 -17.85 13.23
N GLY A 194 43.09 -18.98 13.71
CA GLY A 194 43.36 -19.19 15.13
C GLY A 194 42.22 -19.85 15.91
N ILE A 195 40.99 -19.93 15.37
CA ILE A 195 39.77 -20.17 16.21
C ILE A 195 38.93 -21.29 15.62
N ASN A 196 38.58 -22.28 16.45
CA ASN A 196 37.55 -23.28 16.05
C ASN A 196 36.46 -23.37 17.13
N ASN A 197 36.42 -22.44 18.09
CA ASN A 197 35.39 -22.39 19.15
C ASN A 197 33.98 -22.57 18.53
N ALA A 198 33.23 -23.61 18.91
CA ALA A 198 31.93 -23.94 18.28
C ALA A 198 30.87 -22.91 18.70
N THR A 199 30.96 -22.33 19.88
CA THR A 199 30.01 -21.28 20.33
C THR A 199 30.27 -19.99 19.56
N VAL A 200 31.53 -19.60 19.35
CA VAL A 200 31.82 -18.36 18.60
C VAL A 200 31.35 -18.51 17.15
N LEU A 201 31.62 -19.66 16.51
CA LEU A 201 31.31 -19.87 15.09
C LEU A 201 29.79 -19.93 14.95
N GLY A 202 29.13 -20.64 15.85
CA GLY A 202 27.68 -20.83 15.90
C GLY A 202 26.98 -19.50 16.06
N TYR A 203 27.48 -18.61 16.91
CA TYR A 203 26.94 -17.25 17.09
C TYR A 203 27.03 -16.47 15.77
N ILE A 204 28.22 -16.40 15.21
CA ILE A 204 28.48 -15.58 14.00
C ILE A 204 27.66 -16.14 12.82
N ASN A 205 27.65 -17.46 12.64
CA ASN A 205 26.96 -18.10 11.49
C ASN A 205 25.45 -17.88 11.62
N ASN A 206 24.91 -18.08 12.83
CA ASN A 206 23.47 -17.83 13.11
C ASN A 206 23.11 -16.36 12.84
N MET A 207 23.93 -15.41 13.29
CA MET A 207 23.65 -13.96 13.09
C MET A 207 23.69 -13.63 11.60
N ASN A 208 24.63 -14.23 10.87
CA ASN A 208 24.73 -13.99 9.40
C ASN A 208 23.52 -14.54 8.65
N ALA A 209 22.83 -15.54 9.18
CA ALA A 209 21.60 -16.13 8.63
C ALA A 209 20.35 -15.41 9.15
N ASN A 210 20.48 -14.35 9.96
CA ASN A 210 19.30 -13.74 10.63
C ASN A 210 18.59 -14.77 11.50
N ASP A 211 19.29 -15.80 12.00
CA ASP A 211 18.63 -16.81 12.85
C ASP A 211 18.80 -16.40 14.32
N PHE A 212 18.05 -15.38 14.75
CA PHE A 212 18.21 -14.76 16.09
C PHE A 212 17.82 -15.74 17.18
N ASP A 213 16.82 -16.59 16.94
CA ASP A 213 16.41 -17.60 17.95
C ASP A 213 17.57 -18.55 18.23
N ALA A 214 18.25 -19.06 17.21
CA ALA A 214 19.40 -19.97 17.40
C ALA A 214 20.59 -19.24 18.08
N ALA A 215 20.88 -18.01 17.70
CA ALA A 215 21.94 -17.21 18.29
C ALA A 215 21.63 -16.96 19.77
N VAL A 216 20.40 -16.59 20.08
CA VAL A 216 19.98 -16.33 21.48
C VAL A 216 20.10 -17.59 22.36
N ALA A 217 19.83 -18.76 21.79
CA ALA A 217 19.87 -20.05 22.50
C ALA A 217 21.30 -20.38 22.92
N LEU A 218 22.33 -19.74 22.36
CA LEU A 218 23.76 -19.93 22.79
C LEU A 218 24.10 -19.14 24.06
N PHE A 219 23.22 -18.26 24.56
CA PHE A 219 23.47 -17.47 25.78
C PHE A 219 22.97 -18.20 27.01
N ARG A 220 23.64 -17.97 28.13
CA ARG A 220 23.12 -18.26 29.49
C ARG A 220 21.80 -17.49 29.66
N SER A 221 20.92 -17.96 30.54
CA SER A 221 19.63 -17.29 30.83
C SER A 221 19.83 -15.81 31.17
N GLU A 222 20.88 -15.49 31.89
CA GLU A 222 21.23 -14.12 32.35
C GLU A 222 22.47 -13.62 31.60
N GLY A 223 22.77 -14.20 30.45
CA GLY A 223 23.85 -13.74 29.55
C GLY A 223 23.60 -12.31 29.07
N ALA A 224 24.65 -11.65 28.57
CA ALA A 224 24.60 -10.25 28.15
C ALA A 224 25.27 -10.10 26.80
N LEU A 225 24.70 -9.19 26.03
CA LEU A 225 25.27 -8.69 24.76
C LEU A 225 25.47 -7.18 24.87
N GLN A 226 26.68 -6.71 24.63
CA GLN A 226 27.00 -5.27 24.75
C GLN A 226 27.36 -4.77 23.37
N PRO A 227 26.42 -4.04 22.72
CA PRO A 227 26.72 -3.43 21.43
C PRO A 227 27.67 -2.24 21.59
N PRO A 228 28.22 -1.76 20.46
CA PRO A 228 29.18 -0.65 20.48
C PRO A 228 28.61 0.61 21.16
N PHE A 229 29.30 1.05 22.21
CA PHE A 229 29.06 2.28 23.00
C PHE A 229 27.70 2.20 23.68
N GLU A 230 27.17 1.00 23.92
CA GLU A 230 25.87 0.87 24.61
C GLU A 230 26.01 0.02 25.86
N ARG A 231 24.95 0.07 26.65
CA ARG A 231 24.81 -0.71 27.90
C ARG A 231 24.69 -2.18 27.52
N PRO A 232 25.11 -3.07 28.42
CA PRO A 232 24.91 -4.50 28.24
C PRO A 232 23.41 -4.82 28.26
N ILE A 233 22.98 -5.65 27.31
CA ILE A 233 21.57 -6.09 27.18
C ILE A 233 21.49 -7.48 27.86
N VAL A 234 20.64 -7.62 28.87
CA VAL A 234 20.74 -8.75 29.84
C VAL A 234 19.56 -9.70 29.66
N GLY A 235 19.84 -10.97 29.37
CA GLY A 235 18.84 -12.04 29.32
C GLY A 235 18.37 -12.29 27.91
N GLN A 236 17.95 -13.51 27.64
CA GLN A 236 17.64 -13.98 26.28
C GLN A 236 16.51 -13.16 25.66
N ASP A 237 15.46 -12.79 26.39
CA ASP A 237 14.31 -12.08 25.74
C ASP A 237 14.76 -10.69 25.26
N ALA A 238 15.49 -9.97 26.09
CA ALA A 238 16.01 -8.64 25.74
C ALA A 238 17.00 -8.75 24.56
N ILE A 239 17.90 -9.72 24.60
CA ILE A 239 18.88 -9.91 23.48
C ILE A 239 18.10 -10.19 22.20
N ARG A 240 17.09 -11.05 22.24
CA ARG A 240 16.32 -11.41 21.04
C ARG A 240 15.61 -10.19 20.47
N ALA A 241 15.01 -9.34 21.32
CA ALA A 241 14.31 -8.11 20.91
C ALA A 241 15.34 -7.18 20.22
N TYR A 242 16.56 -7.08 20.75
CA TYR A 242 17.61 -6.20 20.23
C TYR A 242 18.03 -6.76 18.86
N MET A 243 18.30 -8.05 18.78
CA MET A 243 18.75 -8.64 17.48
C MET A 243 17.68 -8.38 16.40
N ARG A 244 16.41 -8.58 16.75
CA ARG A 244 15.31 -8.47 15.75
C ARG A 244 15.25 -7.02 15.25
N GLU A 245 15.56 -6.05 16.10
CA GLU A 245 15.37 -4.63 15.74
C GLU A 245 16.63 -4.12 15.03
N GLU A 246 17.82 -4.51 15.47
CA GLU A 246 19.02 -3.78 15.07
C GLU A 246 20.00 -4.66 14.27
N CYS A 247 19.77 -5.96 14.15
CA CYS A 247 20.79 -6.82 13.49
C CYS A 247 20.29 -7.46 12.19
N GLN A 248 19.09 -7.10 11.74
CA GLN A 248 18.61 -7.71 10.49
C GLN A 248 19.52 -7.33 9.32
N GLY A 249 20.02 -8.33 8.57
CA GLY A 249 20.80 -8.07 7.36
C GLY A 249 22.24 -7.65 7.64
N LEU A 250 22.69 -7.58 8.89
CA LEU A 250 24.14 -7.39 9.16
C LEU A 250 24.93 -8.58 8.61
N LYS A 251 26.13 -8.30 8.14
CA LYS A 251 27.06 -9.34 7.65
C LYS A 251 28.34 -9.22 8.45
N MET A 252 28.63 -10.19 9.32
CA MET A 252 29.88 -10.23 10.13
C MET A 252 30.94 -11.03 9.36
N ILE A 253 32.14 -10.46 9.24
CA ILE A 253 33.26 -11.03 8.45
C ILE A 253 34.43 -11.06 9.42
N PRO A 254 34.47 -12.05 10.33
CA PRO A 254 35.54 -12.16 11.28
C PRO A 254 36.74 -12.72 10.50
N GLU A 255 37.93 -12.31 10.87
CA GLU A 255 39.18 -12.62 10.15
C GLU A 255 40.13 -13.40 11.07
N ARG A 256 40.36 -12.88 12.28
CA ARG A 256 41.41 -13.41 13.20
C ARG A 256 40.93 -13.45 14.66
N GLY A 257 41.47 -14.36 15.46
CA GLY A 257 41.15 -14.32 16.89
C GLY A 257 42.11 -15.12 17.73
N ILE A 258 41.94 -15.03 19.04
CA ILE A 258 42.68 -15.78 20.07
C ILE A 258 41.69 -16.26 21.12
N SER A 259 41.97 -17.41 21.68
CA SER A 259 41.15 -18.11 22.70
C SER A 259 42.06 -18.33 23.88
N GLU A 260 41.63 -18.00 25.10
CA GLU A 260 42.46 -18.19 26.32
C GLU A 260 41.60 -18.86 27.39
N PRO A 261 42.12 -19.94 28.01
CA PRO A 261 41.39 -20.57 29.13
C PRO A 261 41.50 -19.65 30.35
N VAL A 262 40.42 -19.37 31.06
CA VAL A 262 40.52 -18.46 32.24
C VAL A 262 39.88 -19.14 33.46
N GLU A 263 39.49 -18.34 34.45
CA GLU A 263 39.00 -18.80 35.77
C GLU A 263 37.71 -19.60 35.60
N ASP A 264 37.51 -20.56 36.48
CA ASP A 264 36.22 -21.23 36.76
C ASP A 264 35.80 -22.06 35.57
N GLY A 265 36.75 -22.51 34.74
CA GLY A 265 36.40 -23.40 33.63
C GLY A 265 35.90 -22.60 32.43
N TYR A 266 35.97 -21.28 32.50
CA TYR A 266 35.56 -20.38 31.40
C TYR A 266 36.67 -20.28 30.35
N THR A 267 36.27 -19.94 29.14
CA THR A 267 37.13 -19.56 28.04
C THR A 267 36.78 -18.15 27.57
N GLN A 268 37.78 -17.35 27.23
CA GLN A 268 37.54 -16.04 26.61
C GLN A 268 38.12 -16.03 25.21
N VAL A 269 37.39 -15.43 24.29
CA VAL A 269 37.77 -15.42 22.86
C VAL A 269 37.62 -13.98 22.35
N LYS A 270 38.68 -13.48 21.74
CA LYS A 270 38.64 -12.17 21.05
C LYS A 270 38.74 -12.43 19.56
N VAL A 271 37.85 -11.82 18.79
CA VAL A 271 37.86 -11.91 17.30
C VAL A 271 37.88 -10.49 16.75
N THR A 272 38.66 -10.25 15.71
CA THR A 272 38.64 -8.99 14.95
C THR A 272 38.20 -9.28 13.52
N GLY A 273 37.60 -8.29 12.89
CA GLY A 273 37.17 -8.34 11.50
C GLY A 273 36.28 -7.17 11.18
N LYS A 274 35.34 -7.40 10.29
CA LYS A 274 34.50 -6.34 9.71
C LYS A 274 33.04 -6.70 9.95
N VAL A 275 32.21 -5.66 9.97
CA VAL A 275 30.74 -5.80 9.85
C VAL A 275 30.33 -4.92 8.67
N GLN A 276 29.51 -5.47 7.77
CA GLN A 276 28.85 -4.67 6.71
C GLN A 276 27.37 -4.51 7.05
N THR A 277 26.81 -3.36 6.71
CA THR A 277 25.41 -2.96 7.00
C THR A 277 24.69 -2.85 5.66
N PRO A 278 23.38 -3.21 5.55
CA PRO A 278 22.61 -3.07 4.31
C PRO A 278 22.48 -1.61 3.85
N TRP A 279 22.69 -0.65 4.75
CA TRP A 279 22.71 0.81 4.41
C TRP A 279 23.82 1.11 3.40
N PHE A 280 24.95 0.39 3.47
CA PHE A 280 26.19 0.73 2.73
C PHE A 280 26.75 -0.49 1.98
N GLY A 281 26.40 -1.73 2.38
CA GLY A 281 26.89 -2.96 1.73
C GLY A 281 28.40 -3.04 1.78
N ALA A 282 29.03 -3.51 0.70
CA ALA A 282 30.51 -3.68 0.59
C ALA A 282 31.25 -2.33 0.56
N SER A 283 30.56 -1.20 0.34
CA SER A 283 31.15 0.18 0.41
C SER A 283 31.97 0.30 1.70
N VAL A 284 31.30 0.18 2.86
CA VAL A 284 31.79 0.45 4.24
C VAL A 284 31.87 -0.85 5.04
N GLY A 285 33.06 -1.43 5.19
CA GLY A 285 33.33 -2.49 6.20
C GLY A 285 33.83 -1.90 7.50
N MET A 286 33.02 -1.84 8.54
CA MET A 286 33.46 -1.26 9.84
C MET A 286 34.43 -2.23 10.55
N ASN A 287 35.49 -1.71 11.17
CA ASN A 287 36.52 -2.49 11.93
C ASN A 287 35.98 -2.80 13.33
N ILE A 288 35.77 -4.08 13.62
CA ILE A 288 35.06 -4.55 14.83
C ILE A 288 35.92 -5.56 15.59
N ALA A 289 35.83 -5.54 16.90
CA ALA A 289 36.21 -6.68 17.77
C ALA A 289 34.96 -7.24 18.45
N TRP A 290 34.98 -8.55 18.63
CA TRP A 290 34.03 -9.33 19.45
C TRP A 290 34.82 -9.92 20.61
N ARG A 291 34.35 -9.73 21.83
CA ARG A 291 35.02 -10.25 23.02
C ARG A 291 34.01 -11.16 23.70
N PHE A 292 34.21 -12.48 23.64
CA PHE A 292 33.32 -13.49 24.23
C PHE A 292 33.90 -14.03 25.55
N LEU A 293 33.04 -14.18 26.55
CA LEU A 293 33.27 -14.99 27.74
C LEU A 293 32.27 -16.14 27.74
N ILE A 294 32.82 -17.35 27.68
CA ILE A 294 32.09 -18.62 27.44
C ILE A 294 32.24 -19.52 28.66
N ASP A 295 31.11 -19.96 29.19
CA ASP A 295 31.06 -20.84 30.39
C ASP A 295 31.42 -22.28 30.04
N PRO A 296 31.62 -23.16 31.06
CA PRO A 296 32.07 -24.53 30.83
C PRO A 296 31.13 -25.42 30.02
N GLN A 297 29.86 -25.02 29.89
CA GLN A 297 28.86 -25.76 29.09
C GLN A 297 28.83 -25.19 27.67
N GLY A 298 29.66 -24.20 27.35
CA GLY A 298 29.69 -23.65 25.99
C GLY A 298 28.67 -22.54 25.77
N LYS A 299 28.06 -21.98 26.84
CA LYS A 299 27.05 -20.91 26.73
C LYS A 299 27.76 -19.57 26.87
N ILE A 300 27.30 -18.57 26.13
CA ILE A 300 27.86 -17.20 26.21
C ILE A 300 27.35 -16.58 27.52
N PHE A 301 28.27 -16.14 28.36
CA PHE A 301 27.99 -15.36 29.57
C PHE A 301 27.94 -13.88 29.16
N PHE A 302 28.83 -13.47 28.27
CA PHE A 302 28.99 -12.06 27.83
C PHE A 302 29.63 -12.03 26.47
N VAL A 303 29.15 -11.15 25.59
CA VAL A 303 29.88 -10.77 24.37
C VAL A 303 29.73 -9.28 24.16
N ALA A 304 30.86 -8.60 24.03
CA ALA A 304 30.95 -7.17 23.67
C ALA A 304 31.27 -7.09 22.19
N ILE A 305 30.63 -6.17 21.50
CA ILE A 305 31.01 -5.78 20.11
C ILE A 305 31.50 -4.32 20.17
N ASP A 306 32.75 -4.09 19.80
CA ASP A 306 33.46 -2.80 19.91
C ASP A 306 33.76 -2.28 18.51
N LEU A 307 33.43 -1.01 18.25
CA LEU A 307 33.90 -0.32 17.03
C LEU A 307 35.35 0.12 17.32
N LEU A 308 36.32 -0.34 16.54
CA LEU A 308 37.77 -0.19 16.88
C LEU A 308 38.28 1.22 16.52
N ALA A 309 39.32 1.71 17.19
CA ALA A 309 39.88 3.07 16.99
C ALA A 309 40.47 3.23 15.59
N SER A 310 41.15 2.20 15.10
CA SER A 310 41.84 2.24 13.78
C SER A 310 41.96 0.81 13.29
N PRO A 311 42.32 0.61 12.01
CA PRO A 311 42.58 -0.74 11.50
C PRO A 311 43.74 -1.44 12.23
N LYS A 312 44.63 -0.68 12.85
CA LYS A 312 45.76 -1.27 13.63
C LYS A 312 45.19 -2.20 14.70
N GLU A 313 44.02 -1.87 15.23
CA GLU A 313 43.38 -2.66 16.31
C GLU A 313 42.96 -4.04 15.80
N LEU A 314 42.80 -4.23 14.50
CA LEU A 314 42.51 -5.57 13.92
C LEU A 314 43.62 -6.56 14.28
N LEU A 315 44.85 -6.08 14.46
CA LEU A 315 46.07 -6.91 14.73
C LEU A 315 46.40 -6.96 16.24
N ASN A 316 45.63 -6.29 17.09
CA ASN A 316 45.86 -6.28 18.55
C ASN A 316 45.23 -7.57 19.14
N LEU A 317 45.96 -8.68 19.11
CA LEU A 317 45.51 -10.02 19.55
C LEU A 317 46.63 -10.63 20.42
N VAL A 318 46.86 -10.13 21.63
CA VAL A 318 48.03 -10.58 22.46
C VAL A 318 47.49 -11.46 23.58
N ARG A 319 48.24 -12.49 23.96
CA ARG A 319 47.75 -13.50 24.94
C ARG A 319 48.35 -13.21 26.34
N LYS A 320 47.48 -12.84 27.28
CA LYS A 320 47.71 -12.86 28.76
C LYS A 320 46.42 -12.43 29.45
N SER B 2 26.86 15.28 -45.44
CA SER B 2 26.37 15.58 -44.07
C SER B 2 26.13 14.28 -43.30
N PHE B 3 25.93 14.40 -41.99
CA PHE B 3 25.95 13.25 -41.05
C PHE B 3 24.60 12.55 -41.02
N THR B 4 24.67 11.23 -40.85
CA THR B 4 23.50 10.35 -40.57
C THR B 4 23.76 9.61 -39.26
N ILE B 5 22.75 8.92 -38.71
CA ILE B 5 22.93 8.08 -37.50
C ILE B 5 24.00 7.02 -37.84
N GLN B 6 23.94 6.39 -39.02
CA GLN B 6 24.90 5.32 -39.44
C GLN B 6 26.34 5.85 -39.47
N SER B 7 26.57 7.07 -39.99
CA SER B 7 27.94 7.65 -40.09
C SER B 7 28.45 7.98 -38.68
N ALA B 8 27.60 8.60 -37.85
CA ALA B 8 27.86 8.91 -36.41
C ALA B 8 28.26 7.65 -35.65
N GLN B 9 27.72 6.48 -36.01
CA GLN B 9 27.98 5.22 -35.27
C GLN B 9 29.45 4.81 -35.40
N SER B 10 30.19 5.36 -36.38
CA SER B 10 31.59 4.95 -36.69
C SER B 10 32.60 5.93 -36.09
N ILE B 11 32.16 6.97 -35.38
CA ILE B 11 33.11 7.94 -34.75
C ILE B 11 33.96 7.20 -33.73
N PHE B 12 35.22 7.63 -33.59
CA PHE B 12 36.29 6.97 -32.81
C PHE B 12 36.31 5.48 -33.10
N PRO B 13 36.80 5.07 -34.29
CA PRO B 13 36.78 3.68 -34.72
C PRO B 13 37.44 2.63 -33.81
N GLY B 14 38.44 3.03 -33.04
CA GLY B 14 39.15 2.02 -32.23
C GLY B 14 38.47 1.66 -30.92
N THR B 15 37.33 2.24 -30.60
CA THR B 15 36.65 1.96 -29.31
C THR B 15 36.34 0.47 -29.17
N LEU B 16 37.09 -0.24 -28.34
CA LEU B 16 36.88 -1.71 -28.21
C LEU B 16 35.81 -2.00 -27.15
N VAL B 17 34.74 -2.70 -27.53
CA VAL B 17 33.53 -2.94 -26.68
C VAL B 17 33.51 -4.39 -26.20
N ALA B 18 32.89 -4.62 -25.03
CA ALA B 18 32.80 -5.96 -24.40
C ALA B 18 31.86 -6.88 -25.20
N ASP B 19 32.32 -7.36 -26.36
CA ASP B 19 31.54 -8.27 -27.23
C ASP B 19 31.27 -9.60 -26.52
N ILE B 20 32.01 -9.93 -25.46
CA ILE B 20 31.73 -11.15 -24.65
C ILE B 20 30.29 -11.04 -24.08
N VAL B 21 29.79 -9.84 -23.75
CA VAL B 21 28.43 -9.68 -23.17
C VAL B 21 27.38 -10.25 -24.13
N PRO B 22 27.17 -9.73 -25.36
CA PRO B 22 26.16 -10.31 -26.24
C PRO B 22 26.43 -11.79 -26.55
N THR B 23 27.69 -12.20 -26.71
CA THR B 23 28.08 -13.62 -26.90
C THR B 23 27.48 -14.46 -25.78
N VAL B 24 27.86 -14.14 -24.54
CA VAL B 24 27.43 -14.89 -23.33
C VAL B 24 25.92 -14.76 -23.19
N VAL B 25 25.34 -13.59 -23.43
CA VAL B 25 23.85 -13.44 -23.32
C VAL B 25 23.20 -14.39 -24.34
N GLU B 26 23.66 -14.38 -25.59
CA GLU B 26 23.18 -15.31 -26.65
C GLU B 26 23.29 -16.76 -26.17
N SER B 27 24.45 -17.20 -25.67
CA SER B 27 24.67 -18.62 -25.26
C SER B 27 23.74 -18.97 -24.10
N PHE B 28 23.63 -18.08 -23.10
CA PHE B 28 22.77 -18.31 -21.92
C PHE B 28 21.38 -18.72 -22.38
N SER B 29 20.82 -17.99 -23.35
CA SER B 29 19.41 -18.12 -23.79
C SER B 29 19.21 -19.41 -24.59
N GLN B 30 20.28 -20.00 -25.14
CA GLN B 30 20.23 -21.28 -25.91
C GLN B 30 20.46 -22.48 -24.99
N LEU B 31 20.51 -22.26 -23.67
CA LEU B 31 20.52 -23.34 -22.66
C LEU B 31 19.06 -23.70 -22.35
N ASN B 32 18.82 -24.91 -21.86
CA ASN B 32 17.48 -25.35 -21.40
C ASN B 32 17.16 -24.65 -20.08
N ALA B 33 15.91 -24.74 -19.61
CA ALA B 33 15.40 -23.90 -18.50
C ALA B 33 16.19 -24.26 -17.24
N GLU B 34 16.44 -25.55 -17.00
CA GLU B 34 17.01 -26.01 -15.71
C GLU B 34 18.44 -25.44 -15.58
N ASP B 35 19.19 -25.47 -16.68
CA ASP B 35 20.55 -24.87 -16.75
C ASP B 35 20.45 -23.37 -16.52
N GLN B 36 19.49 -22.71 -17.18
CA GLN B 36 19.33 -21.23 -17.09
C GLN B 36 19.09 -20.87 -15.62
N LEU B 37 18.20 -21.58 -14.93
CA LEU B 37 17.89 -21.30 -13.50
C LEU B 37 19.10 -21.59 -12.62
N ALA B 38 19.76 -22.73 -12.79
CA ALA B 38 20.96 -23.12 -12.02
C ALA B 38 22.01 -22.02 -12.15
N LEU B 39 22.23 -21.51 -13.37
CA LEU B 39 23.23 -20.44 -13.62
C LEU B 39 22.85 -19.16 -12.89
N LEU B 40 21.59 -18.72 -12.97
CA LEU B 40 21.16 -17.52 -12.19
C LEU B 40 21.46 -17.77 -10.72
N TRP B 41 21.09 -18.93 -10.17
CA TRP B 41 21.29 -19.21 -8.73
C TRP B 41 22.78 -19.06 -8.38
N PHE B 42 23.69 -19.56 -9.22
CA PHE B 42 25.16 -19.43 -8.97
C PHE B 42 25.53 -17.94 -8.89
N ALA B 43 25.03 -17.10 -9.80
CA ALA B 43 25.24 -15.64 -9.81
C ALA B 43 24.75 -15.00 -8.49
N TYR B 44 23.46 -15.09 -8.17
CA TYR B 44 22.90 -14.48 -6.93
C TYR B 44 23.73 -14.90 -5.69
N THR B 45 24.30 -16.12 -5.67
CA THR B 45 25.11 -16.65 -4.54
C THR B 45 26.57 -16.18 -4.66
N GLU B 46 27.23 -16.48 -5.79
CA GLU B 46 28.65 -16.13 -6.10
C GLU B 46 28.79 -14.62 -6.34
N MET B 47 28.00 -13.78 -5.64
CA MET B 47 27.84 -12.32 -5.91
C MET B 47 26.74 -11.75 -5.00
N GLY B 48 26.81 -12.01 -3.68
CA GLY B 48 25.80 -11.58 -2.70
C GLY B 48 26.13 -10.25 -2.06
N ARG B 49 26.30 -9.19 -2.87
CA ARG B 49 26.63 -7.80 -2.45
C ARG B 49 25.73 -6.79 -3.18
N SER B 50 24.49 -7.19 -3.51
CA SER B 50 23.44 -6.35 -4.12
C SER B 50 22.75 -5.52 -3.03
N ILE B 51 22.72 -4.20 -3.18
CA ILE B 51 22.27 -3.25 -2.11
C ILE B 51 20.92 -2.65 -2.52
N THR B 52 19.80 -3.23 -2.03
CA THR B 52 18.40 -2.78 -2.29
C THR B 52 17.49 -3.38 -1.22
N GLY B 57 13.29 -1.93 -2.94
CA GLY B 57 13.31 -2.61 -4.26
C GLY B 57 12.18 -2.07 -5.14
N ALA B 58 12.48 -1.79 -6.40
CA ALA B 58 11.46 -1.85 -7.46
C ALA B 58 10.85 -3.25 -7.36
N ALA B 59 9.57 -3.37 -7.69
CA ALA B 59 8.73 -4.59 -7.56
C ALA B 59 7.94 -4.52 -6.26
N ASN B 60 8.07 -3.39 -5.52
CA ASN B 60 7.17 -2.90 -4.43
C ASN B 60 5.78 -2.56 -5.01
N MET B 61 5.76 -2.16 -6.28
CA MET B 61 4.56 -1.72 -7.03
C MET B 61 3.52 -2.87 -7.10
N ILE B 62 2.25 -2.55 -7.21
CA ILE B 62 1.11 -3.43 -6.83
C ILE B 62 1.12 -4.68 -7.72
N LEU B 63 1.19 -4.48 -9.03
CA LEU B 63 1.18 -5.62 -9.98
C LEU B 63 2.28 -6.61 -9.60
N ALA B 64 3.53 -6.16 -9.49
CA ALA B 64 4.70 -7.01 -9.24
C ALA B 64 4.60 -7.65 -7.85
N GLN B 65 4.11 -6.91 -6.87
CA GLN B 65 3.96 -7.42 -5.49
C GLN B 65 2.92 -8.52 -5.49
N GLY B 66 1.80 -8.33 -6.17
CA GLY B 66 0.73 -9.36 -6.25
C GLY B 66 1.23 -10.64 -6.95
N LEU B 67 1.99 -10.51 -8.04
CA LEU B 67 2.44 -11.72 -8.78
C LEU B 67 3.50 -12.45 -7.93
N LEU B 68 4.33 -11.72 -7.20
CA LEU B 68 5.26 -12.34 -6.22
C LEU B 68 4.47 -13.09 -5.15
N GLU B 69 3.39 -12.51 -4.60
CA GLU B 69 2.55 -13.18 -3.56
C GLU B 69 1.88 -14.42 -4.17
N GLN B 70 1.56 -14.38 -5.45
CA GLN B 70 1.00 -15.55 -6.17
C GLN B 70 2.06 -16.65 -6.17
N ILE B 71 3.28 -16.32 -6.50
CA ILE B 71 4.36 -17.34 -6.54
C ILE B 71 4.61 -17.82 -5.12
N LYS B 72 4.51 -16.94 -4.13
CA LYS B 72 4.81 -17.31 -2.72
C LYS B 72 3.82 -18.37 -2.23
N GLN B 73 2.55 -18.26 -2.60
CA GLN B 73 1.51 -19.19 -2.08
C GLN B 73 1.48 -20.51 -2.89
N MET B 74 2.19 -20.62 -4.00
CA MET B 74 2.15 -21.86 -4.82
C MET B 74 3.00 -22.94 -4.16
N PRO B 75 2.66 -24.24 -4.32
CA PRO B 75 3.58 -25.32 -3.94
C PRO B 75 4.84 -25.27 -4.78
N PHE B 76 5.94 -25.85 -4.27
CA PHE B 76 7.25 -25.89 -4.95
C PHE B 76 7.13 -26.33 -6.42
N GLU B 77 6.29 -27.30 -6.74
CA GLU B 77 6.21 -27.79 -8.14
C GLU B 77 5.71 -26.68 -9.07
N ALA B 78 4.72 -25.93 -8.64
CA ALA B 78 4.09 -24.84 -9.41
C ALA B 78 5.03 -23.63 -9.51
N GLN B 79 5.82 -23.34 -8.45
CA GLN B 79 6.81 -22.25 -8.49
C GLN B 79 7.88 -22.58 -9.55
N THR B 80 8.43 -23.79 -9.52
CA THR B 80 9.47 -24.22 -10.47
C THR B 80 8.89 -24.09 -11.88
N GLN B 81 7.66 -24.54 -12.12
CA GLN B 81 6.98 -24.42 -13.44
C GLN B 81 6.92 -22.95 -13.88
N VAL B 82 6.62 -22.02 -12.98
CA VAL B 82 6.58 -20.56 -13.36
C VAL B 82 7.97 -20.11 -13.82
N MET B 83 9.03 -20.54 -13.16
CA MET B 83 10.40 -20.09 -13.44
C MET B 83 10.86 -20.71 -14.76
N TYR B 84 10.46 -21.94 -15.05
CA TYR B 84 10.70 -22.63 -16.37
C TYR B 84 10.02 -21.84 -17.48
N ASP B 85 8.76 -21.43 -17.28
CA ASP B 85 7.95 -20.58 -18.19
C ASP B 85 8.71 -19.28 -18.49
N LEU B 86 9.20 -18.60 -17.46
CA LEU B 86 10.02 -17.36 -17.62
C LEU B 86 11.27 -17.69 -18.45
N ALA B 87 12.01 -18.74 -18.14
CA ALA B 87 13.27 -19.10 -18.86
C ALA B 87 12.98 -19.55 -20.32
N ASN B 88 11.89 -20.29 -20.54
CA ASN B 88 11.41 -20.81 -21.85
C ASN B 88 10.75 -19.69 -22.67
N ARG B 89 10.49 -18.53 -22.05
CA ARG B 89 9.73 -17.41 -22.68
C ARG B 89 8.40 -17.95 -23.21
N ALA B 90 7.71 -18.82 -22.44
CA ALA B 90 6.38 -19.37 -22.76
C ALA B 90 5.31 -18.26 -22.74
N ASP B 91 4.23 -18.51 -23.46
CA ASP B 91 3.11 -17.56 -23.59
C ASP B 91 2.13 -17.82 -22.44
N THR B 92 2.27 -17.09 -21.34
CA THR B 92 1.43 -17.26 -20.12
C THR B 92 1.15 -15.89 -19.55
N PRO B 93 0.04 -15.68 -18.81
CA PRO B 93 -0.21 -14.38 -18.21
C PRO B 93 0.97 -13.90 -17.37
N LEU B 94 1.63 -14.78 -16.62
CA LEU B 94 2.78 -14.37 -15.77
C LEU B 94 3.93 -13.88 -16.66
N CYS B 95 4.24 -14.57 -17.77
CA CYS B 95 5.34 -14.18 -18.69
C CYS B 95 4.99 -12.88 -19.43
N ARG B 96 3.71 -12.69 -19.77
CA ARG B 96 3.26 -11.44 -20.43
C ARG B 96 3.30 -10.28 -19.42
N SER B 97 2.89 -10.52 -18.18
CA SER B 97 3.02 -9.49 -17.11
C SER B 97 4.50 -9.17 -16.91
N TYR B 98 5.34 -10.19 -16.77
CA TYR B 98 6.79 -9.96 -16.58
C TYR B 98 7.31 -9.08 -17.72
N ALA B 99 6.96 -9.41 -18.97
CA ALA B 99 7.41 -8.68 -20.18
C ALA B 99 7.06 -7.20 -20.04
N SER B 100 5.90 -6.88 -19.42
CA SER B 100 5.37 -5.50 -19.27
C SER B 100 6.10 -4.69 -18.19
N PHE B 101 6.87 -5.34 -17.33
CA PHE B 101 7.62 -4.70 -16.23
C PHE B 101 8.71 -3.80 -16.83
N THR B 102 9.07 -2.76 -16.11
CA THR B 102 10.29 -1.96 -16.38
C THR B 102 11.51 -2.81 -16.02
N VAL B 103 12.67 -2.44 -16.53
CA VAL B 103 13.97 -3.07 -16.17
C VAL B 103 14.07 -3.24 -14.66
N ASN B 104 13.86 -2.18 -13.87
CA ASN B 104 14.14 -2.24 -12.40
C ASN B 104 13.13 -3.17 -11.72
N ILE B 105 11.88 -3.23 -12.18
CA ILE B 105 10.83 -4.15 -11.63
C ILE B 105 11.19 -5.60 -11.94
N LYS B 106 11.64 -5.88 -13.16
CA LYS B 106 12.08 -7.26 -13.53
C LYS B 106 13.22 -7.70 -12.61
N LEU B 107 14.19 -6.80 -12.37
CA LEU B 107 15.38 -7.12 -11.56
C LEU B 107 14.95 -7.33 -10.09
N GLY B 108 14.11 -6.46 -9.54
CA GLY B 108 13.61 -6.61 -8.14
C GLY B 108 12.76 -7.88 -7.97
N PHE B 109 12.02 -8.25 -9.01
CA PHE B 109 11.21 -9.49 -9.03
C PHE B 109 12.14 -10.70 -8.83
N TRP B 110 13.14 -10.88 -9.70
CA TRP B 110 14.10 -12.00 -9.57
C TRP B 110 14.84 -11.89 -8.23
N TYR B 111 15.19 -10.68 -7.82
CA TYR B 111 15.91 -10.49 -6.54
C TYR B 111 15.07 -11.10 -5.40
N GLN B 112 13.78 -10.79 -5.34
CA GLN B 112 12.89 -11.34 -4.29
C GLN B 112 12.83 -12.86 -4.37
N LEU B 113 12.75 -13.42 -5.58
CA LEU B 113 12.71 -14.89 -5.76
C LEU B 113 14.01 -15.53 -5.21
N GLY B 114 15.18 -14.92 -5.45
CA GLY B 114 16.45 -15.41 -4.90
C GLY B 114 16.49 -15.39 -3.38
N GLU B 115 16.00 -14.31 -2.75
CA GLU B 115 15.93 -14.22 -1.27
C GLU B 115 15.01 -15.31 -0.75
N TRP B 116 13.86 -15.49 -1.41
CA TRP B 116 12.87 -16.50 -0.97
C TRP B 116 13.44 -17.90 -1.13
N MET B 117 14.22 -18.16 -2.18
CA MET B 117 14.91 -19.46 -2.34
C MET B 117 15.85 -19.65 -1.13
N ALA B 118 16.63 -18.63 -0.80
CA ALA B 118 17.58 -18.68 0.34
C ALA B 118 16.82 -18.96 1.66
N GLN B 119 15.58 -18.53 1.79
CA GLN B 119 14.75 -18.67 3.00
C GLN B 119 13.92 -19.95 2.98
N GLY B 120 13.96 -20.73 1.91
CA GLY B 120 13.16 -21.97 1.86
C GLY B 120 11.71 -21.72 1.50
N ILE B 121 11.39 -20.52 0.98
CA ILE B 121 10.01 -20.07 0.66
C ILE B 121 9.69 -20.39 -0.81
N VAL B 122 10.71 -20.35 -1.67
CA VAL B 122 10.62 -20.74 -3.11
C VAL B 122 11.53 -21.97 -3.33
N ALA B 123 11.02 -22.90 -4.12
CA ALA B 123 11.68 -24.15 -4.51
C ALA B 123 13.12 -23.86 -4.91
N PRO B 124 14.12 -24.57 -4.34
CA PRO B 124 15.51 -24.31 -4.68
C PRO B 124 15.89 -25.03 -5.98
N ILE B 125 17.06 -24.74 -6.54
CA ILE B 125 17.72 -25.62 -7.54
C ILE B 125 17.86 -26.97 -6.85
N PRO B 126 17.46 -28.10 -7.48
CA PRO B 126 17.55 -29.41 -6.84
C PRO B 126 18.96 -29.73 -6.31
N GLU B 127 19.02 -30.30 -5.09
CA GLU B 127 20.24 -30.86 -4.44
C GLU B 127 21.16 -31.45 -5.51
N GLY B 128 22.42 -30.99 -5.55
CA GLY B 128 23.51 -31.57 -6.36
C GLY B 128 23.25 -31.55 -7.85
N TYR B 129 22.43 -30.60 -8.34
CA TYR B 129 22.25 -30.38 -9.81
C TYR B 129 23.63 -30.25 -10.43
N LYS B 130 23.84 -30.87 -11.60
CA LYS B 130 25.06 -30.80 -12.45
C LYS B 130 24.76 -29.93 -13.68
N LEU B 131 25.50 -28.84 -13.89
CA LEU B 131 25.44 -28.05 -15.15
C LEU B 131 25.82 -28.97 -16.32
N SER B 132 25.01 -29.00 -17.38
CA SER B 132 25.40 -29.59 -18.68
C SER B 132 26.74 -28.98 -19.10
N PRO B 133 27.54 -29.64 -19.95
CA PRO B 133 28.84 -29.10 -20.35
C PRO B 133 28.75 -27.67 -20.96
N LYS B 134 27.73 -27.43 -21.76
CA LYS B 134 27.41 -26.13 -22.42
C LYS B 134 27.21 -25.03 -21.35
N ALA B 135 26.56 -25.37 -20.24
CA ALA B 135 26.22 -24.44 -19.13
C ALA B 135 27.48 -24.12 -18.34
N ALA B 136 28.37 -25.10 -18.15
CA ALA B 136 29.66 -24.91 -17.46
C ALA B 136 30.55 -23.98 -18.30
N ASP B 137 30.51 -24.10 -19.64
CA ASP B 137 31.21 -23.18 -20.59
C ASP B 137 30.71 -21.77 -20.35
N VAL B 138 29.39 -21.59 -20.23
CA VAL B 138 28.80 -20.23 -20.04
C VAL B 138 29.27 -19.71 -18.67
N LEU B 139 29.19 -20.52 -17.62
CA LEU B 139 29.57 -20.10 -16.24
C LEU B 139 31.05 -19.67 -16.24
N GLN B 140 31.89 -20.43 -16.96
CA GLN B 140 33.35 -20.16 -17.15
C GLN B 140 33.53 -18.81 -17.86
N ALA B 141 32.89 -18.56 -19.00
CA ALA B 141 32.99 -17.26 -19.70
C ALA B 141 32.59 -16.13 -18.74
N ILE B 142 31.50 -16.30 -17.98
CA ILE B 142 30.99 -15.27 -17.04
C ILE B 142 32.08 -15.02 -15.98
N ARG B 143 32.67 -16.11 -15.48
CA ARG B 143 33.70 -16.06 -14.41
C ARG B 143 34.94 -15.31 -14.90
N ASN B 144 35.31 -15.45 -16.18
CA ASN B 144 36.53 -14.84 -16.76
C ASN B 144 36.30 -13.36 -17.04
N ALA B 145 35.04 -12.94 -17.26
CA ALA B 145 34.66 -11.54 -17.55
C ALA B 145 34.82 -10.70 -16.29
N ASP B 146 35.01 -9.38 -16.46
CA ASP B 146 35.27 -8.42 -15.36
C ASP B 146 33.93 -8.07 -14.69
N SER B 147 33.98 -7.42 -13.54
CA SER B 147 32.81 -7.20 -12.65
C SER B 147 31.70 -6.50 -13.46
N GLY B 148 32.03 -5.40 -14.13
CA GLY B 148 31.09 -4.56 -14.91
C GLY B 148 30.40 -5.35 -15.99
N GLN B 149 31.14 -6.25 -16.64
CA GLN B 149 30.65 -7.20 -17.67
C GLN B 149 29.75 -8.27 -17.06
N GLN B 150 30.11 -8.86 -15.89
CA GLN B 150 29.30 -9.93 -15.24
C GLN B 150 27.93 -9.34 -14.89
N ILE B 151 27.89 -8.12 -14.32
CA ILE B 151 26.66 -7.36 -13.91
C ILE B 151 25.77 -7.16 -15.14
N THR B 152 26.37 -6.89 -16.31
CA THR B 152 25.64 -6.59 -17.57
C THR B 152 25.07 -7.88 -18.13
N ILE B 153 25.84 -8.98 -18.09
CA ILE B 153 25.32 -10.29 -18.57
C ILE B 153 24.12 -10.70 -17.73
N LEU B 154 24.20 -10.55 -16.42
CA LEU B 154 23.11 -11.04 -15.52
C LEU B 154 21.87 -10.17 -15.80
N ARG B 155 22.07 -8.85 -15.80
CA ARG B 155 21.01 -7.84 -16.09
C ARG B 155 20.32 -8.17 -17.42
N ASN B 156 21.11 -8.34 -18.48
CA ASN B 156 20.55 -8.45 -19.86
C ASN B 156 19.93 -9.83 -20.02
N THR B 157 20.46 -10.83 -19.33
CA THR B 157 19.84 -12.17 -19.29
C THR B 157 18.47 -12.12 -18.60
N VAL B 158 18.35 -11.55 -17.39
CA VAL B 158 17.02 -11.65 -16.72
C VAL B 158 16.00 -10.75 -17.46
N ILE B 159 16.42 -9.62 -18.03
CA ILE B 159 15.52 -8.67 -18.78
C ILE B 159 14.87 -9.36 -19.98
N SER B 160 15.57 -10.28 -20.63
CA SER B 160 15.17 -10.95 -21.89
C SER B 160 14.28 -12.16 -21.58
N MET B 161 14.08 -12.49 -20.30
CA MET B 161 13.17 -13.59 -19.89
C MET B 161 11.70 -13.15 -19.97
N GLY B 162 10.80 -14.11 -19.80
CA GLY B 162 9.37 -13.93 -20.13
C GLY B 162 9.19 -13.76 -21.63
N PHE B 163 8.13 -13.05 -22.03
CA PHE B 163 7.67 -12.93 -23.44
C PHE B 163 8.26 -11.66 -24.07
N ASP B 164 8.35 -11.61 -25.42
CA ASP B 164 8.75 -10.38 -26.15
C ASP B 164 7.79 -9.28 -25.71
N PRO B 165 8.27 -8.17 -25.10
CA PRO B 165 7.37 -7.13 -24.59
C PRO B 165 6.52 -6.35 -25.63
N ASN B 166 6.82 -6.53 -26.92
CA ASN B 166 6.14 -5.81 -28.03
C ASN B 166 5.53 -6.82 -29.01
N ALA B 167 5.40 -8.09 -28.61
CA ALA B 167 4.73 -9.11 -29.46
C ALA B 167 3.26 -8.76 -29.53
N PRO B 168 2.53 -9.16 -30.60
CA PRO B 168 1.07 -9.00 -30.61
C PRO B 168 0.46 -9.54 -29.30
N GLY B 169 -0.62 -8.93 -28.81
CA GLY B 169 -1.31 -9.32 -27.56
C GLY B 169 -0.51 -8.99 -26.30
N SER B 170 0.45 -8.09 -26.39
CA SER B 170 1.25 -7.63 -25.22
C SER B 170 0.32 -6.91 -24.23
N TYR B 171 0.70 -6.95 -22.96
CA TYR B 171 -0.01 -6.28 -21.85
C TYR B 171 0.47 -4.84 -21.79
N LYS B 172 -0.33 -3.96 -21.22
CA LYS B 172 0.04 -2.54 -21.09
C LYS B 172 1.30 -2.43 -20.24
N LYS B 173 2.27 -1.66 -20.72
CA LYS B 173 3.56 -1.51 -20.01
C LYS B 173 3.33 -0.83 -18.67
N VAL B 174 4.02 -1.26 -17.62
CA VAL B 174 3.85 -0.62 -16.29
C VAL B 174 4.71 0.64 -16.35
N THR B 175 4.33 1.66 -15.59
CA THR B 175 5.03 2.96 -15.44
C THR B 175 5.50 3.11 -14.00
N GLU B 176 6.71 3.64 -13.81
CA GLU B 176 7.35 3.92 -12.49
C GLU B 176 7.16 5.41 -12.20
N PRO B 177 7.04 5.81 -10.91
CA PRO B 177 6.96 7.24 -10.58
C PRO B 177 8.23 7.93 -11.06
N VAL B 178 8.12 9.10 -11.69
CA VAL B 178 9.32 9.91 -12.11
C VAL B 178 9.90 10.57 -10.84
N SER B 179 11.12 10.21 -10.44
CA SER B 179 11.83 10.75 -9.25
C SER B 179 12.26 12.20 -9.49
N PRO B 180 11.92 13.17 -8.61
CA PRO B 180 12.30 14.55 -8.85
C PRO B 180 13.82 14.74 -8.88
N PRO B 181 14.35 15.57 -9.78
CA PRO B 181 15.79 15.72 -9.90
C PRO B 181 16.41 16.37 -8.65
N THR B 182 17.73 16.21 -8.44
CA THR B 182 18.49 16.99 -7.43
C THR B 182 18.35 18.47 -7.80
N ALA B 183 18.02 19.33 -6.84
CA ALA B 183 17.89 20.79 -7.07
C ALA B 183 19.27 21.36 -7.37
N PRO B 184 19.37 22.41 -8.21
CA PRO B 184 20.66 22.91 -8.70
C PRO B 184 21.71 23.20 -7.62
N ALA B 185 21.29 23.80 -6.51
CA ALA B 185 22.15 24.17 -5.37
C ALA B 185 22.84 22.94 -4.77
N PHE B 186 22.33 21.72 -4.93
CA PHE B 186 22.88 20.53 -4.22
C PHE B 186 23.53 19.55 -5.21
N ARG B 187 23.82 19.98 -6.43
CA ARG B 187 24.42 19.08 -7.46
C ARG B 187 25.94 19.10 -7.35
N THR B 188 26.56 17.97 -7.72
CA THR B 188 28.01 17.85 -7.97
C THR B 188 28.22 18.22 -9.44
N LYS B 189 29.23 19.02 -9.75
CA LYS B 189 29.68 19.23 -11.15
C LYS B 189 30.89 18.32 -11.36
N VAL B 190 30.95 17.63 -12.51
CA VAL B 190 32.15 16.84 -12.87
C VAL B 190 33.14 17.82 -13.51
N THR B 191 34.40 17.45 -13.40
CA THR B 191 35.60 17.99 -14.10
C THR B 191 36.18 16.79 -14.86
N ILE B 192 36.39 16.92 -16.16
CA ILE B 192 36.93 15.85 -17.07
C ILE B 192 38.25 16.37 -17.66
N GLU B 193 39.34 15.63 -17.45
CA GLU B 193 40.68 16.02 -17.97
C GLU B 193 40.63 15.96 -19.49
N GLY B 194 40.97 17.06 -20.18
CA GLY B 194 41.15 17.11 -21.64
C GLY B 194 39.96 17.70 -22.36
N ILE B 195 38.94 18.11 -21.59
CA ILE B 195 37.56 18.39 -22.08
C ILE B 195 37.03 19.58 -21.28
N ASN B 196 36.54 20.62 -21.97
CA ASN B 196 35.78 21.77 -21.40
C ASN B 196 34.44 21.90 -22.15
N ASN B 197 34.10 20.94 -23.02
CA ASN B 197 32.88 21.01 -23.87
C ASN B 197 31.65 21.18 -22.97
N ALA B 198 30.96 22.32 -23.08
CA ALA B 198 29.84 22.67 -22.17
C ALA B 198 28.66 21.70 -22.33
N THR B 199 28.47 21.15 -23.53
CA THR B 199 27.35 20.24 -23.87
C THR B 199 27.60 18.93 -23.13
N VAL B 200 28.82 18.41 -23.27
CA VAL B 200 29.22 17.11 -22.67
C VAL B 200 29.10 17.24 -21.14
N LEU B 201 29.59 18.33 -20.57
CA LEU B 201 29.51 18.55 -19.09
C LEU B 201 28.05 18.69 -18.65
N GLY B 202 27.26 19.47 -19.39
CA GLY B 202 25.82 19.67 -19.13
C GLY B 202 25.07 18.35 -19.09
N TYR B 203 25.39 17.45 -20.03
CA TYR B 203 24.76 16.11 -20.18
C TYR B 203 25.07 15.33 -18.90
N ILE B 204 26.36 15.22 -18.57
CA ILE B 204 26.84 14.34 -17.47
C ILE B 204 26.29 14.86 -16.12
N ASN B 205 26.29 16.18 -15.90
CA ASN B 205 25.80 16.82 -14.65
C ASN B 205 24.29 16.63 -14.53
N ASN B 206 23.54 16.82 -15.61
CA ASN B 206 22.07 16.60 -15.64
C ASN B 206 21.79 15.13 -15.29
N MET B 207 22.48 14.17 -15.91
CA MET B 207 22.19 12.73 -15.69
C MET B 207 22.52 12.39 -14.24
N ASN B 208 23.64 12.88 -13.71
CA ASN B 208 24.03 12.59 -12.31
C ASN B 208 23.03 13.23 -11.35
N ALA B 209 22.22 14.22 -11.77
CA ALA B 209 21.17 14.83 -10.92
C ALA B 209 19.81 14.21 -11.23
N ASN B 210 19.75 13.20 -12.12
CA ASN B 210 18.48 12.61 -12.63
C ASN B 210 17.63 13.66 -13.33
N ASP B 211 18.23 14.74 -13.83
CA ASP B 211 17.46 15.79 -14.55
C ASP B 211 17.33 15.40 -16.01
N PHE B 212 16.43 14.46 -16.30
CA PHE B 212 16.35 13.82 -17.63
C PHE B 212 15.74 14.80 -18.63
N ASP B 213 14.89 15.69 -18.13
CA ASP B 213 14.31 16.75 -19.00
C ASP B 213 15.42 17.67 -19.49
N ALA B 214 16.37 18.01 -18.62
CA ALA B 214 17.43 18.99 -18.98
C ALA B 214 18.45 18.28 -19.87
N ALA B 215 18.72 17.01 -19.60
CA ALA B 215 19.62 16.22 -20.45
C ALA B 215 19.03 16.07 -21.86
N VAL B 216 17.74 15.79 -21.97
CA VAL B 216 17.09 15.49 -23.28
C VAL B 216 17.02 16.77 -24.14
N ALA B 217 16.80 17.91 -23.50
CA ALA B 217 16.80 19.26 -24.09
C ALA B 217 18.16 19.59 -24.71
N LEU B 218 19.23 18.86 -24.41
CA LEU B 218 20.56 19.09 -25.05
C LEU B 218 20.60 18.44 -26.43
N PHE B 219 19.65 17.58 -26.78
CA PHE B 219 19.68 16.85 -28.08
C PHE B 219 19.02 17.71 -29.18
N ARG B 220 19.41 17.48 -30.43
CA ARG B 220 18.61 17.88 -31.62
C ARG B 220 17.34 17.03 -31.63
N SER B 221 16.27 17.50 -32.30
CA SER B 221 14.95 16.82 -32.46
C SER B 221 15.14 15.39 -32.90
N GLU B 222 16.03 15.21 -33.88
CA GLU B 222 16.34 13.90 -34.53
C GLU B 222 17.63 13.30 -33.96
N GLY B 223 18.08 13.82 -32.83
CA GLY B 223 19.24 13.29 -32.10
C GLY B 223 18.97 11.90 -31.57
N ALA B 224 20.02 11.09 -31.39
CA ALA B 224 19.92 9.68 -30.96
C ALA B 224 20.89 9.37 -29.81
N LEU B 225 20.47 8.45 -28.97
CA LEU B 225 21.27 7.89 -27.84
C LEU B 225 21.34 6.40 -28.07
N GLN B 226 22.55 5.85 -28.14
CA GLN B 226 22.75 4.41 -28.39
C GLN B 226 23.27 3.76 -27.12
N PRO B 227 22.44 3.04 -26.34
CA PRO B 227 22.91 2.35 -25.14
C PRO B 227 23.78 1.17 -25.53
N PRO B 228 24.55 0.60 -24.59
CA PRO B 228 25.46 -0.51 -24.92
C PRO B 228 24.71 -1.69 -25.55
N PHE B 229 25.19 -2.14 -26.72
CA PHE B 229 24.68 -3.33 -27.44
C PHE B 229 23.24 -3.15 -27.92
N GLU B 230 22.75 -1.92 -28.05
CA GLU B 230 21.36 -1.66 -28.47
C GLU B 230 21.36 -0.77 -29.72
N ARG B 231 20.24 -0.76 -30.42
CA ARG B 231 19.85 0.18 -31.51
C ARG B 231 19.84 1.62 -31.00
N PRO B 232 20.16 2.60 -31.86
CA PRO B 232 19.97 4.01 -31.50
C PRO B 232 18.51 4.31 -31.17
N ILE B 233 18.30 5.14 -30.17
CA ILE B 233 16.97 5.59 -29.71
C ILE B 233 16.83 7.03 -30.20
N VAL B 234 15.87 7.27 -31.08
CA VAL B 234 15.84 8.54 -31.85
C VAL B 234 14.77 9.44 -31.26
N GLY B 235 15.15 10.67 -30.93
CA GLY B 235 14.20 11.75 -30.60
C GLY B 235 14.02 11.88 -29.12
N GLN B 236 13.57 13.06 -28.73
CA GLN B 236 13.57 13.51 -27.32
C GLN B 236 12.56 12.70 -26.51
N ASP B 237 11.40 12.34 -27.07
CA ASP B 237 10.35 11.53 -26.36
C ASP B 237 10.94 10.17 -25.97
N ALA B 238 11.41 9.40 -26.95
CA ALA B 238 11.99 8.05 -26.79
C ALA B 238 13.22 8.09 -25.88
N ILE B 239 14.10 9.08 -26.05
CA ILE B 239 15.32 9.14 -25.20
C ILE B 239 14.86 9.40 -23.75
N ARG B 240 13.93 10.33 -23.53
CA ARG B 240 13.46 10.66 -22.16
C ARG B 240 12.86 9.40 -21.50
N ALA B 241 12.12 8.60 -22.27
CA ALA B 241 11.45 7.38 -21.78
C ALA B 241 12.52 6.38 -21.35
N TYR B 242 13.60 6.24 -22.13
CA TYR B 242 14.74 5.36 -21.80
C TYR B 242 15.44 5.86 -20.53
N MET B 243 15.76 7.15 -20.45
CA MET B 243 16.44 7.73 -19.28
C MET B 243 15.60 7.49 -18.02
N ARG B 244 14.30 7.78 -18.08
CA ARG B 244 13.38 7.60 -16.91
C ARG B 244 13.39 6.15 -16.43
N GLU B 245 13.46 5.19 -17.34
CA GLU B 245 13.34 3.74 -17.00
C GLU B 245 14.70 3.16 -16.59
N GLU B 246 15.78 3.60 -17.22
CA GLU B 246 17.06 2.84 -17.20
C GLU B 246 18.22 3.65 -16.59
N CYS B 247 18.06 4.95 -16.28
CA CYS B 247 19.21 5.81 -15.84
C CYS B 247 18.99 6.39 -14.45
N GLN B 248 17.91 5.98 -13.78
CA GLN B 248 17.53 6.52 -12.46
C GLN B 248 18.63 6.12 -11.47
N GLY B 249 19.27 7.10 -10.85
CA GLY B 249 20.29 6.93 -9.81
C GLY B 249 21.63 6.47 -10.35
N LEU B 250 21.87 6.47 -11.66
CA LEU B 250 23.20 6.17 -12.23
C LEU B 250 24.18 7.25 -11.74
N LYS B 251 25.43 6.88 -11.48
CA LYS B 251 26.51 7.82 -11.12
C LYS B 251 27.60 7.70 -12.20
N MET B 252 27.76 8.74 -13.01
CA MET B 252 28.75 8.79 -14.10
C MET B 252 29.99 9.49 -13.56
N ILE B 253 31.11 8.79 -13.61
CA ILE B 253 32.41 9.23 -13.06
C ILE B 253 33.38 9.24 -14.24
N PRO B 254 33.23 10.20 -15.17
CA PRO B 254 34.08 10.27 -16.36
C PRO B 254 35.47 10.70 -15.88
N GLU B 255 36.53 10.23 -16.53
CA GLU B 255 37.93 10.53 -16.11
C GLU B 255 38.62 11.45 -17.12
N ARG B 256 38.60 11.10 -18.40
CA ARG B 256 39.42 11.74 -19.48
C ARG B 256 38.60 11.82 -20.77
N GLY B 257 38.95 12.75 -21.66
CA GLY B 257 38.35 12.80 -23.00
C GLY B 257 39.23 13.51 -24.02
N ILE B 258 38.96 13.29 -25.31
CA ILE B 258 39.49 14.08 -26.46
C ILE B 258 38.30 14.71 -27.18
N SER B 259 38.48 15.92 -27.70
CA SER B 259 37.54 16.63 -28.59
C SER B 259 38.24 16.89 -29.93
N GLU B 260 37.51 16.83 -31.05
CA GLU B 260 38.05 17.10 -32.41
C GLU B 260 37.01 17.87 -33.22
N PRO B 261 37.37 19.01 -33.86
CA PRO B 261 36.50 19.63 -34.86
C PRO B 261 36.42 18.63 -36.03
N VAL B 262 35.23 18.43 -36.62
CA VAL B 262 35.04 17.52 -37.78
C VAL B 262 34.21 18.28 -38.83
N GLU B 263 33.80 17.68 -39.95
CA GLU B 263 33.19 18.42 -41.11
C GLU B 263 31.94 19.18 -40.65
N ASP B 264 31.59 20.24 -41.37
CA ASP B 264 30.30 20.99 -41.27
C ASP B 264 30.20 21.75 -39.94
N GLY B 265 31.30 22.07 -39.28
CA GLY B 265 31.23 22.79 -37.98
C GLY B 265 30.71 21.90 -36.84
N TYR B 266 30.71 20.58 -37.03
CA TYR B 266 30.42 19.59 -35.95
C TYR B 266 31.69 19.35 -35.12
N THR B 267 31.51 19.10 -33.81
CA THR B 267 32.58 18.56 -32.93
C THR B 267 32.25 17.13 -32.49
N GLN B 268 33.24 16.23 -32.51
CA GLN B 268 33.16 14.87 -31.93
C GLN B 268 33.97 14.83 -30.62
N VAL B 269 33.39 14.28 -29.56
CA VAL B 269 34.00 14.21 -28.20
C VAL B 269 33.88 12.77 -27.69
N LYS B 270 35.01 12.14 -27.35
CA LYS B 270 35.08 10.82 -26.66
C LYS B 270 35.54 11.03 -25.22
N VAL B 271 34.81 10.41 -24.28
CA VAL B 271 35.04 10.48 -22.81
C VAL B 271 35.13 9.06 -22.31
N THR B 272 36.03 8.78 -21.37
CA THR B 272 36.10 7.45 -20.74
C THR B 272 35.98 7.66 -19.22
N GLY B 273 35.48 6.64 -18.55
CA GLY B 273 35.21 6.68 -17.12
C GLY B 273 34.50 5.43 -16.68
N LYS B 274 33.80 5.56 -15.56
CA LYS B 274 33.16 4.44 -14.87
C LYS B 274 31.74 4.89 -14.63
N VAL B 275 30.82 3.95 -14.60
CA VAL B 275 29.44 4.21 -14.15
C VAL B 275 29.12 3.27 -13.00
N GLN B 276 28.57 3.82 -11.91
CA GLN B 276 27.97 3.05 -10.78
C GLN B 276 26.43 3.07 -10.88
N THR B 277 25.81 1.92 -10.59
CA THR B 277 24.33 1.69 -10.58
C THR B 277 23.90 1.50 -9.13
N PRO B 278 22.69 1.95 -8.72
CA PRO B 278 22.24 1.81 -7.33
C PRO B 278 22.10 0.34 -6.89
N TRP B 279 22.08 -0.60 -7.84
CA TRP B 279 22.05 -2.07 -7.56
C TRP B 279 23.32 -2.53 -6.80
N PHE B 280 24.49 -1.95 -7.09
CA PHE B 280 25.80 -2.38 -6.52
C PHE B 280 26.56 -1.21 -5.88
N GLY B 281 26.15 0.05 -6.11
CA GLY B 281 26.83 1.23 -5.55
C GLY B 281 28.27 1.28 -6.01
N ALA B 282 29.15 1.75 -5.12
CA ALA B 282 30.62 1.83 -5.32
C ALA B 282 31.25 0.43 -5.46
N SER B 283 30.49 -0.66 -5.28
CA SER B 283 31.01 -2.04 -5.50
C SER B 283 31.51 -2.17 -6.94
N VAL B 284 30.62 -2.07 -7.93
CA VAL B 284 30.94 -2.31 -9.37
C VAL B 284 31.01 -0.99 -10.13
N GLY B 285 32.18 -0.67 -10.68
CA GLY B 285 32.38 0.44 -11.63
C GLY B 285 32.46 -0.15 -13.03
N MET B 286 31.54 0.21 -13.90
CA MET B 286 31.55 -0.31 -15.27
C MET B 286 32.49 0.60 -16.06
N ASN B 287 33.35 0.00 -16.86
CA ASN B 287 34.26 0.74 -17.77
C ASN B 287 33.44 1.17 -18.98
N ILE B 288 33.27 2.46 -19.14
CA ILE B 288 32.35 3.09 -20.13
C ILE B 288 33.10 4.11 -21.01
N ALA B 289 32.79 4.11 -22.30
CA ALA B 289 33.13 5.24 -23.20
C ALA B 289 31.83 5.92 -23.64
N TRP B 290 31.79 7.24 -23.61
CA TRP B 290 30.75 8.04 -24.29
C TRP B 290 31.37 8.64 -25.56
N ARG B 291 30.73 8.46 -26.73
CA ARG B 291 31.14 9.07 -28.03
C ARG B 291 30.06 10.04 -28.49
N PHE B 292 30.35 11.34 -28.49
CA PHE B 292 29.35 12.40 -28.78
C PHE B 292 29.66 13.01 -30.14
N LEU B 293 28.64 13.24 -30.96
CA LEU B 293 28.72 14.12 -32.16
C LEU B 293 27.80 15.33 -31.92
N ILE B 294 28.37 16.53 -31.85
CA ILE B 294 27.69 17.78 -31.39
C ILE B 294 27.68 18.77 -32.56
N ASP B 295 26.52 19.36 -32.82
CA ASP B 295 26.26 20.19 -34.02
C ASP B 295 26.77 21.59 -33.72
N PRO B 296 26.74 22.53 -34.70
CA PRO B 296 27.33 23.85 -34.52
C PRO B 296 26.61 24.66 -33.44
N GLN B 297 25.36 24.36 -33.15
CA GLN B 297 24.61 25.04 -32.05
C GLN B 297 24.94 24.39 -30.69
N GLY B 298 25.75 23.32 -30.66
CA GLY B 298 26.09 22.62 -29.40
C GLY B 298 25.05 21.59 -28.97
N LYS B 299 24.14 21.21 -29.88
CA LYS B 299 23.12 20.16 -29.62
C LYS B 299 23.72 18.80 -29.94
N ILE B 300 23.29 17.77 -29.21
CA ILE B 300 23.75 16.40 -29.50
C ILE B 300 22.98 15.86 -30.70
N PHE B 301 23.72 15.31 -31.67
CA PHE B 301 23.22 14.58 -32.87
C PHE B 301 23.23 13.08 -32.59
N PHE B 302 24.27 12.62 -31.91
CA PHE B 302 24.47 11.20 -31.55
C PHE B 302 25.38 11.10 -30.33
N VAL B 303 24.99 10.22 -29.40
CA VAL B 303 25.89 9.79 -28.30
C VAL B 303 25.71 8.29 -28.16
N ALA B 304 26.81 7.56 -28.31
CA ALA B 304 26.93 6.14 -27.95
C ALA B 304 27.50 6.02 -26.53
N ILE B 305 26.89 5.14 -25.75
CA ILE B 305 27.47 4.60 -24.48
C ILE B 305 27.91 3.17 -24.79
N ASP B 306 29.22 2.90 -24.65
CA ASP B 306 29.84 1.57 -24.85
C ASP B 306 30.37 1.04 -23.49
N LEU B 307 30.04 -0.20 -23.18
CA LEU B 307 30.77 -1.00 -22.17
C LEU B 307 32.06 -1.53 -22.82
N LEU B 308 33.19 -1.11 -22.29
CA LEU B 308 34.53 -1.37 -22.90
C LEU B 308 34.99 -2.80 -22.60
N ALA B 309 35.78 -3.36 -23.53
CA ALA B 309 36.26 -4.77 -23.55
C ALA B 309 37.09 -5.04 -22.29
N SER B 310 37.80 -4.02 -21.82
CA SER B 310 38.89 -4.13 -20.82
C SER B 310 39.16 -2.74 -20.25
N PRO B 311 39.78 -2.65 -19.04
CA PRO B 311 40.19 -1.35 -18.47
C PRO B 311 41.29 -0.62 -19.24
N LYS B 312 42.09 -1.32 -20.03
CA LYS B 312 43.03 -0.68 -20.99
C LYS B 312 42.28 0.41 -21.75
N GLU B 313 41.10 0.08 -22.27
CA GLU B 313 40.31 0.92 -23.21
C GLU B 313 40.05 2.31 -22.63
N LEU B 314 40.12 2.49 -21.30
CA LEU B 314 39.95 3.81 -20.65
C LEU B 314 41.04 4.80 -21.08
N LEU B 315 42.17 4.30 -21.62
CA LEU B 315 43.30 5.14 -22.10
C LEU B 315 43.27 5.29 -23.62
N ASN B 316 42.56 4.42 -24.35
CA ASN B 316 42.49 4.48 -25.83
C ASN B 316 41.71 5.73 -26.25
N LEU B 317 42.41 6.86 -26.39
CA LEU B 317 41.87 8.15 -26.88
C LEU B 317 42.66 8.59 -28.12
N VAL B 318 42.66 7.76 -29.16
CA VAL B 318 43.45 7.97 -30.42
C VAL B 318 42.72 9.02 -31.28
N ARG B 319 43.36 10.17 -31.55
CA ARG B 319 42.83 11.24 -32.44
C ARG B 319 43.13 10.90 -33.91
N LYS B 320 42.78 11.78 -34.85
CA LYS B 320 43.26 11.74 -36.27
C LYS B 320 42.89 13.05 -36.98
N SER C 2 -29.48 42.35 -18.03
CA SER C 2 -29.71 40.94 -18.42
C SER C 2 -29.80 40.09 -17.15
N PHE C 3 -29.48 38.80 -17.28
CA PHE C 3 -29.55 37.88 -16.12
C PHE C 3 -28.22 37.89 -15.38
N THR C 4 -28.28 37.93 -14.06
CA THR C 4 -27.07 37.80 -13.21
C THR C 4 -27.20 36.54 -12.35
N ILE C 5 -26.09 36.11 -11.74
CA ILE C 5 -26.13 34.95 -10.79
C ILE C 5 -27.13 35.32 -9.69
N GLN C 6 -27.09 36.56 -9.22
CA GLN C 6 -27.95 37.02 -8.09
C GLN C 6 -29.42 36.88 -8.47
N SER C 7 -29.82 37.29 -9.67
CA SER C 7 -31.23 37.17 -10.13
C SER C 7 -31.56 35.70 -10.40
N ALA C 8 -30.61 34.89 -10.90
CA ALA C 8 -30.91 33.46 -11.18
C ALA C 8 -31.22 32.75 -9.85
N GLN C 9 -30.59 33.15 -8.74
CA GLN C 9 -30.80 32.46 -7.43
C GLN C 9 -32.28 32.49 -7.00
N SER C 10 -33.09 33.41 -7.50
CA SER C 10 -34.50 33.61 -7.03
C SER C 10 -35.50 32.83 -7.88
N ILE C 11 -35.06 32.01 -8.84
CA ILE C 11 -36.02 31.21 -9.63
C ILE C 11 -36.76 30.20 -8.73
N PHE C 12 -38.01 29.89 -9.10
CA PHE C 12 -38.94 28.95 -8.38
C PHE C 12 -39.00 29.28 -6.89
N PRO C 13 -39.46 30.51 -6.54
CA PRO C 13 -39.48 30.95 -5.13
C PRO C 13 -40.26 30.06 -4.14
N GLY C 14 -41.22 29.27 -4.61
CA GLY C 14 -42.02 28.38 -3.74
C GLY C 14 -41.27 27.13 -3.30
N THR C 15 -39.97 26.97 -3.58
CA THR C 15 -39.30 25.67 -3.30
C THR C 15 -38.97 25.62 -1.80
N LEU C 16 -39.55 24.70 -1.04
CA LEU C 16 -39.36 24.68 0.44
C LEU C 16 -38.15 23.83 0.81
N VAL C 17 -37.07 24.47 1.24
CA VAL C 17 -35.79 23.81 1.59
C VAL C 17 -35.78 23.42 3.08
N ALA C 18 -34.84 22.55 3.47
CA ALA C 18 -34.72 22.02 4.84
C ALA C 18 -33.87 22.97 5.68
N ASP C 19 -34.43 24.10 6.08
CA ASP C 19 -33.68 25.11 6.86
C ASP C 19 -33.34 24.53 8.26
N ILE C 20 -33.93 23.42 8.70
CA ILE C 20 -33.47 22.74 9.93
C ILE C 20 -31.97 22.39 9.81
N VAL C 21 -31.46 22.16 8.59
CA VAL C 21 -30.05 21.73 8.44
C VAL C 21 -29.13 22.90 8.85
N PRO C 22 -29.15 24.07 8.20
CA PRO C 22 -28.17 25.11 8.55
C PRO C 22 -28.41 25.69 9.96
N THR C 23 -29.63 25.59 10.47
CA THR C 23 -30.02 25.98 11.85
C THR C 23 -29.24 25.10 12.85
N VAL C 24 -29.30 23.79 12.66
CA VAL C 24 -28.71 22.81 13.61
C VAL C 24 -27.18 22.86 13.49
N VAL C 25 -26.66 23.00 12.27
CA VAL C 25 -25.19 23.11 12.05
C VAL C 25 -24.66 24.33 12.80
N GLU C 26 -25.42 25.42 12.78
CA GLU C 26 -25.10 26.71 13.47
C GLU C 26 -25.11 26.50 15.00
N SER C 27 -26.20 25.95 15.56
CA SER C 27 -26.35 25.61 17.00
C SER C 27 -25.19 24.71 17.43
N PHE C 28 -25.00 23.57 16.73
CA PHE C 28 -23.86 22.63 16.90
C PHE C 28 -22.53 23.37 17.08
N SER C 29 -22.21 24.29 16.16
CA SER C 29 -20.90 24.97 16.09
C SER C 29 -20.64 25.84 17.34
N GLN C 30 -21.68 26.23 18.09
CA GLN C 30 -21.60 27.15 19.26
C GLN C 30 -21.38 26.38 20.58
N LEU C 31 -21.51 25.06 20.57
CA LEU C 31 -21.27 24.18 21.75
C LEU C 31 -19.76 24.11 22.02
N ASN C 32 -19.38 23.76 23.25
CA ASN C 32 -17.95 23.50 23.60
C ASN C 32 -17.51 22.14 23.01
N ALA C 33 -16.19 21.90 22.95
CA ALA C 33 -15.59 20.66 22.39
C ALA C 33 -16.29 19.42 22.93
N GLU C 34 -16.52 19.32 24.25
CA GLU C 34 -16.98 18.05 24.88
C GLU C 34 -18.39 17.70 24.40
N ASP C 35 -19.29 18.71 24.33
CA ASP C 35 -20.69 18.56 23.85
C ASP C 35 -20.70 18.12 22.36
N GLN C 36 -19.94 18.83 21.53
CA GLN C 36 -19.82 18.54 20.07
C GLN C 36 -19.46 17.07 19.90
N LEU C 37 -18.41 16.62 20.60
CA LEU C 37 -17.92 15.21 20.46
C LEU C 37 -18.99 14.24 20.92
N ALA C 38 -19.64 14.50 22.06
CA ALA C 38 -20.67 13.59 22.58
C ALA C 38 -21.85 13.53 21.59
N LEU C 39 -22.27 14.69 21.06
CA LEU C 39 -23.34 14.82 20.03
C LEU C 39 -22.98 13.97 18.84
N LEU C 40 -21.74 14.08 18.33
CA LEU C 40 -21.28 13.30 17.15
C LEU C 40 -21.46 11.83 17.46
N TRP C 41 -20.97 11.37 18.61
CA TRP C 41 -21.14 9.97 19.04
C TRP C 41 -22.63 9.61 19.16
N PHE C 42 -23.45 10.40 19.86
CA PHE C 42 -24.88 10.04 20.06
C PHE C 42 -25.57 10.05 18.69
N ALA C 43 -25.41 11.12 17.91
CA ALA C 43 -26.01 11.28 16.55
C ALA C 43 -25.63 10.07 15.67
N TYR C 44 -24.33 9.81 15.51
CA TYR C 44 -23.77 8.62 14.81
C TYR C 44 -24.50 7.35 15.26
N THR C 45 -24.35 6.98 16.55
CA THR C 45 -24.85 5.72 17.16
C THR C 45 -26.36 5.59 16.98
N GLU C 46 -27.11 6.65 17.30
CA GLU C 46 -28.59 6.68 17.20
C GLU C 46 -29.00 6.22 15.82
N MET C 47 -28.29 6.68 14.80
CA MET C 47 -28.56 6.27 13.39
C MET C 47 -28.03 4.85 13.17
N ARG C 49 -26.48 2.38 9.70
CA ARG C 49 -26.78 1.92 8.31
C ARG C 49 -25.81 2.60 7.31
N SER C 50 -24.57 2.90 7.73
CA SER C 50 -23.50 3.49 6.89
C SER C 50 -22.71 2.36 6.23
N ILE C 51 -22.07 2.61 5.08
CA ILE C 51 -21.45 1.52 4.26
C ILE C 51 -20.26 2.07 3.48
N THR C 52 -19.04 1.88 4.01
CA THR C 52 -17.74 2.05 3.32
C THR C 52 -16.85 0.84 3.60
N ALA C 58 -11.95 8.33 0.26
CA ALA C 58 -11.62 7.30 1.30
C ALA C 58 -10.32 7.70 2.01
N ALA C 59 -10.33 7.59 3.34
CA ALA C 59 -9.15 7.83 4.20
C ALA C 59 -8.17 6.65 4.09
N ASN C 60 -8.28 5.88 3.00
CA ASN C 60 -7.31 4.87 2.48
C ASN C 60 -5.94 5.52 2.24
N MET C 61 -5.95 6.76 1.73
CA MET C 61 -4.76 7.48 1.23
C MET C 61 -3.73 7.62 2.38
N ILE C 62 -2.45 7.66 2.03
CA ILE C 62 -1.29 7.39 2.94
C ILE C 62 -1.27 8.44 4.06
N LEU C 63 -1.41 9.72 3.74
CA LEU C 63 -1.45 10.81 4.77
C LEU C 63 -2.53 10.46 5.80
N ALA C 64 -3.75 10.18 5.35
CA ALA C 64 -4.90 10.00 6.28
C ALA C 64 -4.65 8.74 7.13
N GLN C 65 -4.18 7.67 6.50
CA GLN C 65 -3.96 6.36 7.17
C GLN C 65 -2.92 6.51 8.26
N GLY C 66 -1.84 7.23 7.98
CA GLY C 66 -0.75 7.42 8.91
C GLY C 66 -1.18 8.27 10.09
N LEU C 67 -1.96 9.32 9.88
CA LEU C 67 -2.46 10.17 10.99
C LEU C 67 -3.46 9.40 11.83
N LEU C 68 -4.26 8.52 11.23
CA LEU C 68 -5.13 7.60 11.99
C LEU C 68 -4.26 6.64 12.80
N GLU C 69 -3.18 6.09 12.24
CA GLU C 69 -2.24 5.25 13.02
C GLU C 69 -1.60 6.07 14.15
N GLN C 70 -1.25 7.32 13.91
CA GLN C 70 -0.71 8.16 15.01
C GLN C 70 -1.76 8.21 16.13
N ILE C 71 -3.03 8.44 15.79
CA ILE C 71 -4.10 8.51 16.82
C ILE C 71 -4.23 7.15 17.51
N LYS C 72 -4.12 6.06 16.78
CA LYS C 72 -4.33 4.70 17.34
C LYS C 72 -3.22 4.38 18.36
N GLN C 73 -2.01 4.92 18.19
CA GLN C 73 -0.87 4.56 19.08
C GLN C 73 -0.88 5.48 20.31
N MET C 74 -1.66 6.54 20.31
CA MET C 74 -1.68 7.50 21.44
C MET C 74 -2.43 6.89 22.63
N PRO C 75 -2.04 7.20 23.89
CA PRO C 75 -2.89 6.93 25.04
C PRO C 75 -4.25 7.65 24.96
N PHE C 76 -5.27 7.15 25.67
CA PHE C 76 -6.65 7.68 25.61
C PHE C 76 -6.65 9.20 25.78
N GLU C 77 -5.89 9.72 26.74
CA GLU C 77 -5.89 11.16 27.09
C GLU C 77 -5.38 11.98 25.91
N ALA C 78 -4.36 11.51 25.19
CA ALA C 78 -3.80 12.24 24.03
C ALA C 78 -4.80 12.11 22.87
N GLN C 79 -5.52 10.99 22.76
CA GLN C 79 -6.51 10.80 21.66
C GLN C 79 -7.62 11.83 21.89
N THR C 80 -8.07 11.98 23.14
CA THR C 80 -9.19 12.88 23.48
C THR C 80 -8.77 14.31 23.15
N GLN C 81 -7.51 14.67 23.40
CA GLN C 81 -6.97 16.03 23.10
C GLN C 81 -7.00 16.31 21.58
N VAL C 82 -6.64 15.32 20.75
CA VAL C 82 -6.69 15.47 19.27
C VAL C 82 -8.10 15.84 18.87
N MET C 83 -9.07 15.12 19.43
CA MET C 83 -10.49 15.32 19.06
C MET C 83 -10.99 16.68 19.57
N TYR C 84 -10.62 17.12 20.79
CA TYR C 84 -10.92 18.48 21.29
C TYR C 84 -10.31 19.50 20.33
N ASP C 85 -9.06 19.27 19.87
CA ASP C 85 -8.39 20.21 18.93
C ASP C 85 -9.19 20.32 17.60
N LEU C 86 -9.70 19.22 17.05
CA LEU C 86 -10.50 19.28 15.79
C LEU C 86 -11.81 20.07 16.04
N ALA C 87 -12.50 19.80 17.15
CA ALA C 87 -13.78 20.44 17.51
C ALA C 87 -13.54 21.91 17.87
N ASN C 88 -12.39 22.25 18.47
CA ASN C 88 -12.00 23.66 18.78
C ASN C 88 -11.43 24.40 17.58
N ARG C 89 -11.16 23.73 16.45
CA ARG C 89 -10.56 24.38 15.27
C ARG C 89 -9.21 24.99 15.68
N ALA C 90 -8.50 24.35 16.62
CA ALA C 90 -7.17 24.75 17.12
C ALA C 90 -6.15 24.66 15.98
N ASP C 91 -5.11 25.48 16.09
CA ASP C 91 -3.97 25.49 15.15
C ASP C 91 -2.97 24.42 15.60
N THR C 92 -3.02 23.21 15.02
CA THR C 92 -2.06 22.09 15.25
C THR C 92 -1.78 21.46 13.89
N PRO C 93 -0.65 20.76 13.69
CA PRO C 93 -0.40 20.07 12.42
C PRO C 93 -1.51 19.07 12.08
N LEU C 94 -2.04 18.35 13.07
CA LEU C 94 -3.11 17.37 12.81
C LEU C 94 -4.35 18.10 12.28
N CYS C 95 -4.66 19.26 12.86
CA CYS C 95 -5.82 20.11 12.45
C CYS C 95 -5.59 20.69 11.06
N ARG C 96 -4.37 21.10 10.75
CA ARG C 96 -4.04 21.69 9.43
C ARG C 96 -4.08 20.59 8.36
N SER C 97 -3.57 19.38 8.67
CA SER C 97 -3.63 18.22 7.75
C SER C 97 -5.12 17.86 7.54
N TYR C 98 -5.90 17.85 8.60
CA TYR C 98 -7.36 17.60 8.46
C TYR C 98 -8.01 18.63 7.54
N ALA C 99 -7.66 19.90 7.69
CA ALA C 99 -8.12 21.01 6.81
C ALA C 99 -7.79 20.68 5.36
N SER C 100 -6.64 20.06 5.10
CA SER C 100 -6.15 19.82 3.73
C SER C 100 -6.93 18.69 3.07
N PHE C 101 -7.61 17.84 3.87
CA PHE C 101 -8.34 16.65 3.38
C PHE C 101 -9.51 17.11 2.50
N THR C 102 -9.81 16.32 1.46
CA THR C 102 -11.06 16.38 0.68
C THR C 102 -12.20 15.93 1.60
N VAL C 103 -13.42 16.27 1.22
CA VAL C 103 -14.65 15.91 2.00
C VAL C 103 -14.69 14.42 2.33
N ASN C 104 -14.49 13.52 1.36
CA ASN C 104 -14.66 12.06 1.58
C ASN C 104 -13.57 11.55 2.56
N ILE C 105 -12.39 12.15 2.55
CA ILE C 105 -11.26 11.73 3.44
C ILE C 105 -11.60 12.20 4.85
N LYS C 106 -12.16 13.40 4.99
CA LYS C 106 -12.62 13.88 6.33
C LYS C 106 -13.67 12.92 6.90
N LEU C 107 -14.65 12.54 6.09
CA LEU C 107 -15.73 11.61 6.48
C LEU C 107 -15.16 10.23 6.85
N GLY C 108 -14.29 9.67 6.01
CA GLY C 108 -13.67 8.37 6.28
C GLY C 108 -12.82 8.42 7.54
N PHE C 109 -12.16 9.54 7.76
CA PHE C 109 -11.30 9.75 8.95
C PHE C 109 -12.15 9.63 10.22
N TRP C 110 -13.24 10.37 10.27
CA TRP C 110 -14.23 10.29 11.38
C TRP C 110 -14.85 8.91 11.46
N TYR C 111 -15.15 8.27 10.34
CA TYR C 111 -15.82 6.96 10.37
C TYR C 111 -14.87 5.99 11.09
N GLN C 112 -13.58 6.06 10.78
CA GLN C 112 -12.56 5.14 11.36
C GLN C 112 -12.49 5.38 12.86
N LEU C 113 -12.46 6.63 13.28
CA LEU C 113 -12.42 6.94 14.75
C LEU C 113 -13.67 6.35 15.47
N GLY C 114 -14.84 6.47 14.86
CA GLY C 114 -16.10 5.93 15.41
C GLY C 114 -16.02 4.43 15.58
N GLU C 115 -15.52 3.73 14.55
CA GLU C 115 -15.37 2.27 14.62
C GLU C 115 -14.42 1.90 15.77
N TRP C 116 -13.28 2.59 15.89
CA TRP C 116 -12.27 2.28 16.95
C TRP C 116 -12.86 2.59 18.33
N MET C 117 -13.70 3.62 18.45
CA MET C 117 -14.36 3.95 19.73
C MET C 117 -15.23 2.75 20.15
N ALA C 118 -16.02 2.21 19.21
CA ALA C 118 -16.93 1.07 19.44
C ALA C 118 -16.12 -0.18 19.76
N GLN C 119 -14.84 -0.24 19.34
CA GLN C 119 -13.96 -1.42 19.55
C GLN C 119 -13.08 -1.23 20.80
N GLY C 120 -13.15 -0.06 21.43
CA GLY C 120 -12.37 0.29 22.63
C GLY C 120 -10.95 0.67 22.26
N ILE C 121 -10.66 0.97 20.98
CA ILE C 121 -9.30 1.30 20.48
C ILE C 121 -9.08 2.81 20.66
N VAL C 122 -10.14 3.59 20.60
CA VAL C 122 -10.07 5.08 20.75
C VAL C 122 -10.94 5.48 21.93
N ALA C 123 -10.44 6.40 22.73
CA ALA C 123 -11.04 6.92 23.98
C ALA C 123 -12.53 7.14 23.78
N PRO C 124 -13.40 6.53 24.61
CA PRO C 124 -14.83 6.73 24.45
C PRO C 124 -15.26 8.10 25.00
N ILE C 125 -16.46 8.55 24.66
CA ILE C 125 -17.13 9.63 25.45
C ILE C 125 -17.15 9.19 26.91
N PRO C 126 -16.75 10.02 27.90
CA PRO C 126 -16.77 9.60 29.30
C PRO C 126 -18.13 9.02 29.72
N GLU C 127 -18.15 7.80 30.26
CA GLU C 127 -19.36 7.05 30.68
C GLU C 127 -20.24 7.91 31.60
N GLY C 128 -21.56 7.93 31.33
CA GLY C 128 -22.56 8.75 32.03
C GLY C 128 -22.39 10.24 31.75
N TYR C 129 -21.74 10.60 30.64
CA TYR C 129 -21.46 12.03 30.31
C TYR C 129 -22.82 12.76 30.19
N LYS C 130 -22.91 14.01 30.65
CA LYS C 130 -24.19 14.79 30.68
C LYS C 130 -24.17 15.90 29.62
N LEU C 131 -24.97 15.77 28.56
CA LEU C 131 -25.16 16.89 27.57
C LEU C 131 -25.63 18.12 28.33
N SER C 132 -25.01 19.27 28.10
CA SER C 132 -25.53 20.59 28.56
C SER C 132 -26.99 20.73 28.10
N PRO C 133 -27.74 21.76 28.58
CA PRO C 133 -29.12 21.96 28.15
C PRO C 133 -29.20 22.20 26.62
N LYS C 134 -28.39 23.15 26.12
CA LYS C 134 -28.32 23.56 24.69
C LYS C 134 -27.94 22.36 23.81
N ALA C 135 -27.08 21.47 24.31
CA ALA C 135 -26.62 20.30 23.52
C ALA C 135 -27.78 19.31 23.40
N ALA C 136 -28.58 19.11 24.45
CA ALA C 136 -29.69 18.13 24.47
C ALA C 136 -30.76 18.58 23.45
N ASP C 137 -31.02 19.89 23.43
CA ASP C 137 -31.90 20.59 22.46
C ASP C 137 -31.40 20.25 21.04
N VAL C 138 -30.11 20.48 20.78
CA VAL C 138 -29.48 20.17 19.47
C VAL C 138 -29.74 18.71 19.11
N LEU C 139 -29.53 17.76 20.03
CA LEU C 139 -29.71 16.31 19.76
C LEU C 139 -31.20 16.03 19.41
N GLN C 140 -32.15 16.69 20.09
CA GLN C 140 -33.60 16.46 19.82
C GLN C 140 -33.91 17.01 18.41
N ALA C 141 -33.38 18.18 18.08
CA ALA C 141 -33.44 18.78 16.72
C ALA C 141 -32.97 17.75 15.69
N ILE C 142 -31.81 17.12 15.92
CA ILE C 142 -31.29 16.07 15.00
C ILE C 142 -32.24 14.88 14.97
N ARG C 143 -32.71 14.42 16.13
CA ARG C 143 -33.59 13.22 16.14
C ARG C 143 -34.88 13.47 15.36
N ASN C 144 -35.41 14.68 15.40
CA ASN C 144 -36.69 15.05 14.74
C ASN C 144 -36.53 15.23 13.23
N ALA C 145 -35.35 15.59 12.74
CA ALA C 145 -35.06 15.76 11.29
C ALA C 145 -35.23 14.43 10.57
N ASP C 146 -35.55 14.43 9.28
CA ASP C 146 -35.62 13.19 8.47
C ASP C 146 -34.20 12.69 8.16
N SER C 147 -34.13 11.53 7.52
CA SER C 147 -32.87 10.78 7.27
C SER C 147 -31.86 11.64 6.50
N GLY C 148 -32.27 12.23 5.36
CA GLY C 148 -31.41 13.07 4.51
C GLY C 148 -30.91 14.33 5.22
N GLN C 149 -31.76 14.94 6.04
CA GLN C 149 -31.42 16.10 6.89
C GLN C 149 -30.38 15.68 7.93
N GLN C 150 -30.59 14.53 8.58
CA GLN C 150 -29.68 14.02 9.64
C GLN C 150 -28.29 13.80 9.04
N ILE C 151 -28.19 13.13 7.89
CA ILE C 151 -26.89 12.84 7.21
C ILE C 151 -26.22 14.18 6.82
N THR C 152 -27.00 15.15 6.35
CA THR C 152 -26.46 16.43 5.87
C THR C 152 -25.92 17.21 7.08
N ILE C 153 -26.60 17.14 8.22
CA ILE C 153 -26.11 17.88 9.43
C ILE C 153 -24.77 17.25 9.85
N LEU C 154 -24.73 15.92 9.93
CA LEU C 154 -23.50 15.19 10.37
C LEU C 154 -22.38 15.52 9.40
N ARG C 155 -22.65 15.44 8.10
CA ARG C 155 -21.62 15.68 7.06
C ARG C 155 -21.09 17.09 7.25
N ASN C 156 -21.98 18.07 7.27
CA ASN C 156 -21.61 19.50 7.26
C ASN C 156 -20.86 19.84 8.56
N THR C 157 -21.24 19.23 9.67
CA THR C 157 -20.56 19.52 10.96
C THR C 157 -19.12 18.99 10.93
N VAL C 158 -18.89 17.74 10.53
CA VAL C 158 -17.49 17.19 10.57
C VAL C 158 -16.64 17.86 9.52
N ILE C 159 -17.19 18.21 8.37
CA ILE C 159 -16.45 18.94 7.29
C ILE C 159 -15.88 20.23 7.85
N SER C 160 -16.57 20.92 8.77
CA SER C 160 -16.20 22.27 9.26
C SER C 160 -15.15 22.19 10.38
N MET C 161 -14.83 20.98 10.85
CA MET C 161 -13.86 20.79 11.95
C MET C 161 -12.41 20.95 11.47
N GLY C 162 -11.45 20.96 12.41
CA GLY C 162 -10.05 21.29 12.14
C GLY C 162 -9.91 22.76 11.80
N PHE C 163 -8.82 23.16 11.15
CA PHE C 163 -8.51 24.59 10.90
C PHE C 163 -9.17 25.11 9.62
N ASP C 164 -9.25 26.43 9.44
CA ASP C 164 -9.69 27.02 8.15
C ASP C 164 -8.69 26.61 7.07
N PRO C 165 -9.10 25.86 6.02
CA PRO C 165 -8.17 25.33 5.03
C PRO C 165 -7.52 26.35 4.09
N ASN C 166 -7.96 27.62 4.14
CA ASN C 166 -7.48 28.71 3.26
C ASN C 166 -6.79 29.80 4.10
N ALA C 167 -6.81 29.72 5.43
CA ALA C 167 -6.04 30.62 6.34
C ALA C 167 -4.56 30.58 5.95
N PRO C 168 -3.78 31.64 6.29
CA PRO C 168 -2.35 31.64 6.00
C PRO C 168 -1.62 30.44 6.64
N GLY C 169 -0.63 29.87 5.95
CA GLY C 169 0.19 28.72 6.42
C GLY C 169 -0.53 27.38 6.21
N SER C 170 -1.53 27.35 5.32
CA SER C 170 -2.34 26.15 5.02
C SER C 170 -1.42 25.11 4.37
N TYR C 171 -1.71 23.82 4.57
CA TYR C 171 -0.91 22.72 3.98
C TYR C 171 -1.44 22.45 2.58
N LYS C 172 -0.62 21.82 1.74
CA LYS C 172 -0.99 21.49 0.34
C LYS C 172 -2.21 20.57 0.37
N LYS C 173 -3.26 20.94 -0.37
CA LYS C 173 -4.57 20.23 -0.39
C LYS C 173 -4.31 18.82 -0.91
N VAL C 174 -4.94 17.82 -0.31
CA VAL C 174 -4.77 16.43 -0.81
C VAL C 174 -5.58 16.29 -2.08
N THR C 175 -5.05 15.53 -3.02
CA THR C 175 -5.68 15.18 -4.32
C THR C 175 -6.21 13.75 -4.18
N GLU C 176 -7.40 13.45 -4.70
CA GLU C 176 -7.94 12.07 -4.84
C GLU C 176 -7.92 11.69 -6.31
N PRO C 177 -7.77 10.38 -6.64
CA PRO C 177 -7.81 9.93 -8.03
C PRO C 177 -9.16 10.27 -8.73
N VAL C 178 -9.13 10.77 -9.97
CA VAL C 178 -10.37 10.93 -10.80
C VAL C 178 -10.87 9.52 -11.20
N SER C 179 -12.02 9.10 -10.67
CA SER C 179 -12.69 7.83 -11.07
C SER C 179 -13.18 7.96 -12.52
N PRO C 180 -12.86 6.98 -13.41
CA PRO C 180 -13.20 7.09 -14.82
C PRO C 180 -14.72 6.96 -14.94
N PRO C 181 -15.38 7.62 -15.91
CA PRO C 181 -16.84 7.58 -16.03
C PRO C 181 -17.38 6.23 -16.52
N THR C 182 -18.63 5.93 -16.24
CA THR C 182 -19.36 4.81 -16.90
C THR C 182 -19.30 5.02 -18.41
N ALA C 183 -18.92 3.99 -19.17
CA ALA C 183 -18.88 4.02 -20.65
C ALA C 183 -20.30 4.18 -21.19
N PRO C 184 -20.48 5.00 -22.25
CA PRO C 184 -21.79 5.29 -22.83
C PRO C 184 -22.77 4.11 -22.87
N ALA C 185 -22.29 2.97 -23.40
CA ALA C 185 -23.07 1.74 -23.61
C ALA C 185 -23.71 1.24 -22.32
N PHE C 186 -23.18 1.59 -21.14
CA PHE C 186 -23.66 1.01 -19.85
C PHE C 186 -24.35 2.06 -18.99
N ARG C 187 -24.59 3.26 -19.51
CA ARG C 187 -25.29 4.32 -18.75
C ARG C 187 -26.79 4.06 -18.76
N THR C 188 -27.44 4.32 -17.63
CA THR C 188 -28.91 4.51 -17.58
C THR C 188 -29.23 5.88 -18.18
N LYS C 189 -30.42 6.01 -18.73
CA LYS C 189 -30.93 7.28 -19.24
C LYS C 189 -32.13 7.59 -18.34
N VAL C 190 -32.18 8.78 -17.77
CA VAL C 190 -33.33 9.12 -16.89
C VAL C 190 -34.51 9.49 -17.79
N THR C 191 -35.71 9.25 -17.29
CA THR C 191 -36.96 9.86 -17.81
C THR C 191 -37.55 10.73 -16.70
N ILE C 192 -37.94 11.93 -17.08
CA ILE C 192 -38.52 12.94 -16.16
C ILE C 192 -39.87 13.29 -16.75
N GLU C 193 -40.94 12.82 -16.10
CA GLU C 193 -42.35 13.17 -16.38
C GLU C 193 -42.42 14.69 -16.56
N GLY C 194 -42.70 15.11 -17.78
CA GLY C 194 -43.08 16.49 -18.10
C GLY C 194 -41.91 17.30 -18.63
N ILE C 195 -40.75 16.68 -18.86
CA ILE C 195 -39.47 17.36 -19.27
C ILE C 195 -38.81 16.53 -20.37
N ASN C 196 -38.41 17.18 -21.46
CA ASN C 196 -37.57 16.56 -22.51
C ASN C 196 -36.37 17.47 -22.82
N ASN C 197 -36.04 18.42 -21.93
CA ASN C 197 -34.97 19.44 -22.12
C ASN C 197 -33.60 18.74 -22.20
N ALA C 198 -32.88 18.89 -23.31
CA ALA C 198 -31.70 18.07 -23.65
C ALA C 198 -30.56 18.44 -22.68
N THR C 199 -30.43 19.70 -22.29
CA THR C 199 -29.36 20.16 -21.35
C THR C 199 -29.57 19.56 -19.98
N VAL C 200 -30.81 19.52 -19.50
CA VAL C 200 -31.11 19.00 -18.15
C VAL C 200 -30.89 17.50 -18.16
N LEU C 201 -31.38 16.82 -19.20
CA LEU C 201 -31.22 15.35 -19.31
C LEU C 201 -29.72 15.03 -19.40
N GLY C 202 -28.98 15.81 -20.18
CA GLY C 202 -27.53 15.71 -20.36
C GLY C 202 -26.80 15.87 -19.03
N TYR C 203 -27.14 16.90 -18.27
CA TYR C 203 -26.56 17.12 -16.93
C TYR C 203 -26.78 15.90 -16.07
N ILE C 204 -28.03 15.45 -15.91
CA ILE C 204 -28.35 14.39 -14.92
C ILE C 204 -27.69 13.09 -15.41
N ASN C 205 -27.77 12.79 -16.69
CA ASN C 205 -27.19 11.53 -17.23
C ASN C 205 -25.66 11.52 -17.07
N ASN C 206 -24.99 12.66 -17.32
CA ASN C 206 -23.52 12.75 -17.15
C ASN C 206 -23.13 12.63 -15.68
N MET C 207 -23.87 13.27 -14.76
CA MET C 207 -23.58 13.19 -13.32
C MET C 207 -23.75 11.76 -12.83
N ASN C 208 -24.82 11.07 -13.25
CA ASN C 208 -25.07 9.66 -12.85
C ASN C 208 -23.99 8.73 -13.42
N ALA C 209 -23.21 9.17 -14.40
CA ALA C 209 -22.10 8.38 -14.97
C ALA C 209 -20.75 8.80 -14.38
N ASN C 210 -20.73 9.73 -13.40
CA ASN C 210 -19.47 10.35 -12.89
C ASN C 210 -18.71 11.02 -14.03
N ASP C 211 -19.42 11.47 -15.07
CA ASP C 211 -18.74 12.08 -16.25
C ASP C 211 -18.72 13.58 -16.01
N PHE C 212 -17.84 14.04 -15.14
CA PHE C 212 -17.86 15.45 -14.68
C PHE C 212 -17.31 16.36 -15.78
N ASP C 213 -16.44 15.87 -16.65
CA ASP C 213 -15.96 16.63 -17.82
C ASP C 213 -17.17 16.99 -18.71
N ALA C 214 -18.03 16.03 -19.07
CA ALA C 214 -19.19 16.28 -19.94
C ALA C 214 -20.26 17.14 -19.20
N ALA C 215 -20.51 16.91 -17.92
CA ALA C 215 -21.50 17.69 -17.11
C ALA C 215 -21.07 19.15 -17.03
N VAL C 216 -19.80 19.41 -16.71
CA VAL C 216 -19.33 20.82 -16.56
C VAL C 216 -19.25 21.52 -17.92
N ALA C 217 -19.00 20.81 -19.03
CA ALA C 217 -18.95 21.40 -20.40
C ALA C 217 -20.30 22.06 -20.76
N LEU C 218 -21.41 21.63 -20.17
CA LEU C 218 -22.74 22.21 -20.43
C LEU C 218 -22.88 23.63 -19.87
N PHE C 219 -21.98 24.07 -19.00
CA PHE C 219 -22.09 25.35 -18.26
C PHE C 219 -21.55 26.49 -19.11
N ARG C 220 -22.17 27.65 -18.98
CA ARG C 220 -21.57 28.90 -19.49
C ARG C 220 -20.28 29.16 -18.74
N SER C 221 -19.35 29.87 -19.41
CA SER C 221 -18.01 30.04 -18.83
C SER C 221 -18.14 30.83 -17.52
N GLU C 222 -19.19 31.65 -17.35
CA GLU C 222 -19.34 32.45 -16.12
C GLU C 222 -20.61 31.99 -15.38
N GLY C 223 -21.08 30.78 -15.68
CA GLY C 223 -22.24 30.15 -15.03
C GLY C 223 -21.82 29.59 -13.68
N ALA C 224 -22.80 29.15 -12.91
CA ALA C 224 -22.61 28.79 -11.49
C ALA C 224 -23.46 27.58 -11.15
N LEU C 225 -22.93 26.79 -10.23
CA LEU C 225 -23.61 25.68 -9.55
C LEU C 225 -23.69 26.07 -8.08
N GLN C 226 -24.89 26.01 -7.50
CA GLN C 226 -25.11 26.33 -6.07
C GLN C 226 -25.46 25.06 -5.32
N PRO C 227 -24.53 24.44 -4.55
CA PRO C 227 -24.87 23.29 -3.74
C PRO C 227 -25.80 23.67 -2.59
N PRO C 228 -26.48 22.69 -1.96
CA PRO C 228 -27.42 22.98 -0.88
C PRO C 228 -26.78 23.83 0.23
N PHE C 229 -27.36 24.99 0.56
CA PHE C 229 -26.97 25.87 1.69
C PHE C 229 -25.55 26.45 1.48
N GLU C 230 -25.08 26.52 0.23
CA GLU C 230 -23.74 27.08 -0.03
C GLU C 230 -23.89 28.26 -0.98
N ARG C 231 -22.82 29.01 -1.13
CA ARG C 231 -22.64 30.08 -2.13
C ARG C 231 -22.55 29.45 -3.52
N PRO C 232 -22.99 30.18 -4.57
CA PRO C 232 -22.73 29.77 -5.96
C PRO C 232 -21.22 29.59 -6.28
N ILE C 233 -20.89 28.54 -7.02
CA ILE C 233 -19.51 28.20 -7.48
C ILE C 233 -19.49 28.57 -8.96
N VAL C 234 -18.64 29.51 -9.33
CA VAL C 234 -18.68 30.20 -10.64
C VAL C 234 -17.55 29.66 -11.54
N GLY C 235 -17.88 29.28 -12.76
CA GLY C 235 -16.90 28.91 -13.80
C GLY C 235 -16.59 27.44 -13.81
N GLN C 236 -16.26 26.91 -14.99
CA GLN C 236 -16.11 25.45 -15.17
C GLN C 236 -14.98 24.94 -14.30
N ASP C 237 -13.93 25.70 -14.02
CA ASP C 237 -12.77 25.15 -13.25
C ASP C 237 -13.21 24.79 -11.82
N ALA C 238 -13.86 25.73 -11.14
CA ALA C 238 -14.31 25.54 -9.76
C ALA C 238 -15.51 24.58 -9.69
N ILE C 239 -16.39 24.57 -10.69
CA ILE C 239 -17.53 23.60 -10.72
C ILE C 239 -16.98 22.19 -10.89
N ARG C 240 -16.03 21.99 -11.78
CA ARG C 240 -15.49 20.64 -11.96
C ARG C 240 -14.81 20.17 -10.66
N ALA C 241 -14.13 21.06 -9.96
CA ALA C 241 -13.39 20.70 -8.74
C ALA C 241 -14.42 20.24 -7.71
N TYR C 242 -15.55 20.93 -7.62
CA TYR C 242 -16.63 20.63 -6.65
C TYR C 242 -17.22 19.27 -7.02
N MET C 243 -17.51 19.06 -8.31
CA MET C 243 -18.12 17.79 -8.78
C MET C 243 -17.20 16.62 -8.41
N ARG C 244 -15.93 16.72 -8.79
CA ARG C 244 -14.90 15.65 -8.52
C ARG C 244 -14.78 15.32 -7.02
N GLU C 245 -14.84 16.32 -6.14
CA GLU C 245 -14.68 16.11 -4.68
C GLU C 245 -16.00 15.67 -4.03
N GLU C 246 -17.15 16.16 -4.48
CA GLU C 246 -18.40 16.02 -3.67
C GLU C 246 -19.51 15.21 -4.35
N CYS C 247 -19.40 14.83 -5.64
CA CYS C 247 -20.50 14.18 -6.43
C CYS C 247 -20.12 12.77 -6.91
N GLN C 248 -18.97 12.24 -6.48
CA GLN C 248 -18.50 10.90 -6.92
C GLN C 248 -19.52 9.87 -6.42
N GLY C 249 -20.12 9.10 -7.33
CA GLY C 249 -21.01 7.98 -6.97
C GLY C 249 -22.39 8.41 -6.51
N LEU C 250 -22.78 9.67 -6.69
CA LEU C 250 -24.18 10.11 -6.41
C LEU C 250 -25.08 9.50 -7.49
N LYS C 251 -26.26 9.04 -7.09
CA LYS C 251 -27.29 8.51 -8.00
C LYS C 251 -28.49 9.46 -7.89
N MET C 252 -28.77 10.17 -8.98
CA MET C 252 -29.89 11.13 -9.08
C MET C 252 -31.02 10.37 -9.77
N ILE C 253 -32.16 10.27 -9.09
CA ILE C 253 -33.41 9.57 -9.56
C ILE C 253 -34.48 10.65 -9.65
N PRO C 254 -34.45 11.48 -10.71
CA PRO C 254 -35.45 12.55 -10.87
C PRO C 254 -36.81 11.92 -11.18
N GLU C 255 -37.89 12.57 -10.75
CA GLU C 255 -39.29 12.06 -10.87
C GLU C 255 -40.09 12.94 -11.83
N ARG C 256 -40.00 14.25 -11.63
CA ARG C 256 -40.99 15.24 -12.14
C ARG C 256 -40.26 16.53 -12.44
N GLY C 257 -40.73 17.29 -13.43
CA GLY C 257 -40.17 18.62 -13.66
C GLY C 257 -41.16 19.51 -14.34
N ILE C 258 -40.89 20.81 -14.29
CA ILE C 258 -41.61 21.84 -15.09
C ILE C 258 -40.57 22.71 -15.78
N SER C 259 -40.91 23.10 -16.96
CA SER C 259 -40.08 24.00 -17.78
C SER C 259 -40.91 25.21 -18.15
N GLU C 260 -40.31 26.38 -18.01
CA GLU C 260 -40.95 27.65 -18.40
C GLU C 260 -39.96 28.53 -19.13
N PRO C 261 -40.29 28.97 -20.36
CA PRO C 261 -39.59 30.07 -21.00
C PRO C 261 -39.69 31.31 -20.11
N VAL C 262 -38.60 32.05 -20.04
CA VAL C 262 -38.57 33.32 -19.29
C VAL C 262 -38.09 34.41 -20.23
N GLU C 263 -37.54 35.49 -19.70
CA GLU C 263 -37.18 36.67 -20.54
C GLU C 263 -35.91 36.35 -21.35
N ASP C 264 -35.78 36.90 -22.56
CA ASP C 264 -34.53 36.91 -23.38
C ASP C 264 -34.25 35.53 -24.00
N GLY C 265 -35.26 34.67 -24.12
CA GLY C 265 -35.12 33.31 -24.67
C GLY C 265 -34.47 32.32 -23.69
N TYR C 266 -34.29 32.69 -22.43
CA TYR C 266 -33.82 31.74 -21.38
C TYR C 266 -34.96 30.81 -21.01
N THR C 267 -34.64 29.69 -20.35
CA THR C 267 -35.63 28.70 -19.87
C THR C 267 -35.30 28.38 -18.42
N GLN C 268 -36.31 28.35 -17.53
CA GLN C 268 -36.14 27.90 -16.14
C GLN C 268 -36.73 26.51 -16.07
N VAL C 269 -36.02 25.57 -15.47
CA VAL C 269 -36.51 24.17 -15.36
C VAL C 269 -36.37 23.77 -13.92
N LYS C 270 -37.42 23.24 -13.35
CA LYS C 270 -37.36 22.69 -11.97
C LYS C 270 -37.59 21.19 -12.04
N VAL C 271 -36.70 20.45 -11.40
CA VAL C 271 -36.81 18.99 -11.35
C VAL C 271 -36.78 18.61 -9.88
N THR C 272 -37.58 17.60 -9.54
CA THR C 272 -37.61 17.05 -8.18
C THR C 272 -37.41 15.57 -8.27
N GLY C 273 -36.77 15.04 -7.24
CA GLY C 273 -36.57 13.60 -7.12
C GLY C 273 -35.69 13.29 -5.95
N LYS C 274 -35.07 12.13 -6.01
CA LYS C 274 -34.29 11.59 -4.89
C LYS C 274 -32.85 11.53 -5.38
N VAL C 275 -31.91 11.72 -4.46
CA VAL C 275 -30.46 11.44 -4.65
C VAL C 275 -30.01 10.42 -3.59
N GLN C 276 -29.34 9.35 -4.04
CA GLN C 276 -28.69 8.36 -3.13
C GLN C 276 -27.19 8.65 -3.11
N THR C 277 -26.54 8.55 -1.94
CA THR C 277 -25.07 8.75 -1.73
C THR C 277 -24.41 7.39 -1.53
N PRO C 278 -23.15 7.16 -1.97
CA PRO C 278 -22.50 5.86 -1.74
C PRO C 278 -22.39 5.52 -0.25
N TRP C 279 -22.49 6.53 0.63
CA TRP C 279 -22.37 6.42 2.10
C TRP C 279 -23.52 5.59 2.69
N PHE C 280 -24.68 5.56 2.04
CA PHE C 280 -25.91 4.90 2.57
C PHE C 280 -26.67 4.10 1.51
N GLY C 281 -26.32 4.22 0.23
CA GLY C 281 -27.02 3.50 -0.85
C GLY C 281 -28.52 3.77 -0.82
N ALA C 282 -29.31 2.77 -1.17
CA ALA C 282 -30.79 2.87 -1.28
C ALA C 282 -31.44 2.99 0.11
N SER C 283 -30.67 3.12 1.19
CA SER C 283 -31.17 3.23 2.59
C SER C 283 -31.50 4.69 2.95
N VAL C 284 -31.00 5.65 2.18
CA VAL C 284 -31.29 7.10 2.38
C VAL C 284 -31.46 7.76 1.00
N GLY C 285 -32.72 7.98 0.61
CA GLY C 285 -33.09 8.86 -0.50
C GLY C 285 -33.24 10.28 0.00
N MET C 286 -32.34 11.17 -0.39
CA MET C 286 -32.46 12.60 -0.07
C MET C 286 -33.48 13.23 -1.03
N ASN C 287 -34.40 14.01 -0.48
CA ASN C 287 -35.43 14.72 -1.29
C ASN C 287 -34.75 15.96 -1.89
N ILE C 288 -34.66 16.04 -3.21
CA ILE C 288 -33.84 17.13 -3.83
C ILE C 288 -34.68 17.87 -4.85
N ALA C 289 -34.39 19.16 -5.03
CA ALA C 289 -34.80 19.91 -6.24
C ALA C 289 -33.57 20.47 -6.95
N TRP C 290 -33.59 20.38 -8.28
CA TRP C 290 -32.65 21.08 -9.17
C TRP C 290 -33.43 22.23 -9.81
N ARG C 291 -32.92 23.46 -9.65
CA ARG C 291 -33.45 24.67 -10.32
C ARG C 291 -32.43 25.16 -11.34
N PHE C 292 -32.71 24.98 -12.63
CA PHE C 292 -31.85 25.38 -13.77
C PHE C 292 -32.33 26.69 -14.39
N LEU C 293 -31.40 27.55 -14.77
CA LEU C 293 -31.65 28.60 -15.79
C LEU C 293 -30.73 28.32 -16.99
N ILE C 294 -31.34 28.06 -18.15
CA ILE C 294 -30.64 27.63 -19.39
C ILE C 294 -30.74 28.74 -20.44
N ASP C 295 -29.61 29.08 -21.04
CA ASP C 295 -29.55 30.25 -21.96
C ASP C 295 -30.13 29.82 -23.30
N PRO C 296 -30.29 30.77 -24.25
CA PRO C 296 -30.89 30.47 -25.55
C PRO C 296 -30.08 29.43 -26.34
N GLN C 297 -28.77 29.32 -26.09
CA GLN C 297 -27.88 28.31 -26.75
C GLN C 297 -27.89 26.96 -26.01
N GLY C 298 -28.62 26.84 -24.91
CA GLY C 298 -28.77 25.54 -24.21
C GLY C 298 -27.65 25.31 -23.21
N LYS C 299 -26.86 26.33 -22.93
CA LYS C 299 -25.82 26.36 -21.87
C LYS C 299 -26.49 26.60 -20.50
N ILE C 300 -25.97 25.95 -19.46
CA ILE C 300 -26.47 26.16 -18.09
C ILE C 300 -25.89 27.48 -17.60
N PHE C 301 -26.73 28.47 -17.31
CA PHE C 301 -26.22 29.72 -16.70
C PHE C 301 -26.15 29.49 -15.18
N PHE C 302 -27.12 28.79 -14.64
CA PHE C 302 -27.23 28.58 -13.18
C PHE C 302 -27.94 27.25 -12.94
N VAL C 303 -27.46 26.53 -11.94
CA VAL C 303 -28.24 25.45 -11.32
C VAL C 303 -28.04 25.51 -9.80
N ALA C 304 -29.17 25.44 -9.08
CA ALA C 304 -29.21 25.25 -7.61
C ALA C 304 -29.69 23.83 -7.34
N ILE C 305 -29.04 23.18 -6.38
CA ILE C 305 -29.45 21.90 -5.78
C ILE C 305 -29.97 22.25 -4.38
N ASP C 306 -31.24 21.91 -4.10
CA ASP C 306 -31.89 22.19 -2.78
C ASP C 306 -32.21 20.88 -2.08
N LEU C 307 -31.85 20.75 -0.81
CA LEU C 307 -32.39 19.67 0.06
C LEU C 307 -33.79 20.13 0.51
N LEU C 308 -34.84 19.35 0.21
CA LEU C 308 -36.23 19.84 0.45
C LEU C 308 -36.66 19.51 1.89
N ALA C 309 -37.60 20.28 2.44
CA ALA C 309 -38.16 20.09 3.81
C ALA C 309 -38.76 18.70 3.96
N SER C 310 -39.44 18.15 2.97
CA SER C 310 -40.08 16.80 3.10
C SER C 310 -40.37 16.22 1.74
N PRO C 311 -40.79 14.93 1.67
CA PRO C 311 -41.19 14.31 0.40
C PRO C 311 -42.39 15.01 -0.25
N LYS C 312 -43.20 15.73 0.52
CA LYS C 312 -44.34 16.50 -0.04
C LYS C 312 -43.83 17.51 -1.09
N GLU C 313 -42.61 18.04 -0.89
CA GLU C 313 -42.04 19.09 -1.78
C GLU C 313 -41.69 18.49 -3.14
N LEU C 314 -41.63 17.17 -3.26
CA LEU C 314 -41.40 16.52 -4.57
C LEU C 314 -42.58 16.79 -5.53
N LEU C 315 -43.76 17.06 -4.96
CA LEU C 315 -45.03 17.29 -5.71
C LEU C 315 -45.24 18.79 -5.96
N ASN C 316 -44.43 19.66 -5.34
CA ASN C 316 -44.56 21.14 -5.43
C ASN C 316 -43.82 21.67 -6.67
N LEU C 317 -44.54 21.75 -7.79
CA LEU C 317 -44.06 22.25 -9.10
C LEU C 317 -45.00 23.38 -9.53
N VAL C 318 -44.91 24.54 -8.88
CA VAL C 318 -45.85 25.66 -9.17
C VAL C 318 -45.29 26.51 -10.34
N ARG C 319 -46.10 26.72 -11.38
CA ARG C 319 -45.79 27.58 -12.55
C ARG C 319 -45.73 29.05 -12.07
N LYS C 320 -45.01 29.91 -12.80
CA LYS C 320 -44.97 31.38 -12.55
C LYS C 320 -46.39 31.93 -12.58
N HIS C 321 -46.75 32.77 -11.61
CA HIS C 321 -48.05 33.52 -11.61
C HIS C 321 -47.93 34.72 -12.56
N SER D 2 -29.89 -41.41 21.66
CA SER D 2 -29.27 -40.07 21.87
C SER D 2 -29.23 -39.32 20.53
N PHE D 3 -29.07 -38.00 20.55
CA PHE D 3 -29.06 -37.20 19.30
C PHE D 3 -27.75 -37.43 18.53
N THR D 4 -27.84 -37.28 17.21
CA THR D 4 -26.69 -37.13 16.30
C THR D 4 -26.89 -35.84 15.49
N ILE D 5 -25.85 -35.41 14.77
CA ILE D 5 -25.94 -34.27 13.82
C ILE D 5 -27.07 -34.60 12.84
N GLN D 6 -27.12 -35.84 12.34
CA GLN D 6 -28.16 -36.19 11.35
C GLN D 6 -29.55 -35.99 11.92
N SER D 7 -29.81 -36.51 13.12
CA SER D 7 -31.16 -36.42 13.74
C SER D 7 -31.44 -34.96 14.09
N ALA D 8 -30.45 -34.22 14.59
CA ALA D 8 -30.54 -32.78 14.89
C ALA D 8 -30.98 -32.01 13.65
N GLN D 9 -30.50 -32.40 12.45
CA GLN D 9 -30.79 -31.68 11.18
C GLN D 9 -32.30 -31.60 10.94
N SER D 10 -33.10 -32.56 11.42
CA SER D 10 -34.55 -32.70 11.08
C SER D 10 -35.44 -31.90 12.05
N ILE D 11 -34.88 -31.24 13.07
CA ILE D 11 -35.68 -30.45 14.05
C ILE D 11 -36.48 -29.38 13.27
N PHE D 12 -37.70 -29.07 13.73
CA PHE D 12 -38.66 -28.11 13.13
C PHE D 12 -38.96 -28.43 11.66
N PRO D 13 -39.44 -29.65 11.35
CA PRO D 13 -39.61 -30.09 9.97
C PRO D 13 -40.51 -29.23 9.06
N GLY D 14 -41.38 -28.37 9.61
CA GLY D 14 -42.31 -27.53 8.82
C GLY D 14 -41.66 -26.27 8.24
N THR D 15 -40.33 -26.16 8.33
CA THR D 15 -39.56 -24.94 7.96
C THR D 15 -39.32 -24.97 6.43
N LEU D 16 -39.82 -23.95 5.72
CA LEU D 16 -39.84 -23.89 4.22
C LEU D 16 -38.65 -23.05 3.73
N VAL D 17 -37.61 -23.72 3.21
CA VAL D 17 -36.31 -23.12 2.74
C VAL D 17 -36.39 -22.79 1.24
N ALA D 18 -35.72 -21.72 0.78
CA ALA D 18 -35.71 -21.25 -0.62
C ALA D 18 -34.90 -22.21 -1.52
N ASP D 19 -35.47 -23.38 -1.88
CA ASP D 19 -34.80 -24.39 -2.74
C ASP D 19 -34.65 -23.84 -4.17
N ILE D 20 -35.27 -22.70 -4.48
CA ILE D 20 -34.99 -21.97 -5.76
C ILE D 20 -33.47 -21.70 -5.80
N VAL D 21 -32.89 -21.25 -4.69
CA VAL D 21 -31.46 -20.80 -4.61
C VAL D 21 -30.54 -21.91 -5.05
N PRO D 22 -30.50 -23.10 -4.38
CA PRO D 22 -29.60 -24.17 -4.81
C PRO D 22 -29.96 -24.72 -6.20
N THR D 23 -31.21 -24.52 -6.62
CA THR D 23 -31.72 -24.92 -7.96
C THR D 23 -31.02 -24.06 -9.00
N VAL D 24 -31.36 -22.77 -9.01
CA VAL D 24 -30.77 -21.75 -9.93
C VAL D 24 -29.25 -21.85 -9.86
N VAL D 25 -28.69 -22.13 -8.68
CA VAL D 25 -27.21 -22.25 -8.59
C VAL D 25 -26.76 -23.47 -9.38
N GLU D 26 -27.54 -24.54 -9.37
CA GLU D 26 -27.16 -25.75 -10.14
C GLU D 26 -27.33 -25.48 -11.62
N SER D 27 -28.38 -24.79 -12.05
CA SER D 27 -28.53 -24.53 -13.50
C SER D 27 -27.30 -23.77 -14.00
N PHE D 28 -26.98 -22.70 -13.30
CA PHE D 28 -25.87 -21.76 -13.58
C PHE D 28 -24.56 -22.50 -13.85
N SER D 29 -24.21 -23.43 -12.97
CA SER D 29 -23.00 -24.26 -12.99
C SER D 29 -22.95 -25.12 -14.27
N GLN D 30 -24.12 -25.46 -14.84
CA GLN D 30 -24.26 -26.31 -16.05
C GLN D 30 -23.85 -25.53 -17.33
N LEU D 31 -24.07 -24.21 -17.36
CA LEU D 31 -23.95 -23.32 -18.55
C LEU D 31 -22.50 -23.21 -19.04
N ASN D 32 -22.30 -22.84 -20.32
CA ASN D 32 -20.92 -22.61 -20.79
C ASN D 32 -20.48 -21.27 -20.21
N ALA D 33 -19.19 -20.98 -20.32
CA ALA D 33 -18.54 -19.77 -19.77
C ALA D 33 -19.16 -18.50 -20.36
N GLU D 34 -19.39 -18.49 -21.68
CA GLU D 34 -20.05 -17.34 -22.36
C GLU D 34 -21.32 -16.98 -21.60
N ASP D 35 -22.22 -17.95 -21.34
CA ASP D 35 -23.56 -17.70 -20.73
C ASP D 35 -23.44 -17.34 -19.24
N GLN D 36 -22.51 -17.98 -18.54
CA GLN D 36 -22.21 -17.66 -17.11
C GLN D 36 -21.77 -16.19 -16.99
N LEU D 37 -20.81 -15.76 -17.80
CA LEU D 37 -20.35 -14.35 -17.73
C LEU D 37 -21.52 -13.44 -18.06
N ALA D 38 -22.24 -13.67 -19.18
CA ALA D 38 -23.41 -12.83 -19.55
C ALA D 38 -24.38 -12.65 -18.38
N LEU D 39 -24.77 -13.77 -17.75
CA LEU D 39 -25.75 -13.78 -16.60
C LEU D 39 -25.23 -12.95 -15.42
N LEU D 40 -23.97 -13.16 -15.02
CA LEU D 40 -23.33 -12.36 -13.93
C LEU D 40 -23.53 -10.89 -14.24
N TRP D 41 -23.16 -10.52 -15.45
CA TRP D 41 -23.26 -9.11 -15.86
C TRP D 41 -24.74 -8.65 -15.78
N PHE D 42 -25.68 -9.44 -16.28
CA PHE D 42 -27.07 -8.92 -16.24
C PHE D 42 -27.50 -8.76 -14.78
N ALA D 43 -27.16 -9.73 -13.95
CA ALA D 43 -27.46 -9.68 -12.50
C ALA D 43 -26.83 -8.45 -11.86
N TYR D 44 -25.55 -8.18 -12.09
CA TYR D 44 -24.88 -7.03 -11.44
C TYR D 44 -25.45 -5.68 -11.90
N THR D 45 -26.01 -5.61 -13.11
CA THR D 45 -26.63 -4.37 -13.63
C THR D 45 -28.08 -4.30 -13.12
N GLU D 46 -28.85 -5.37 -13.29
CA GLU D 46 -30.26 -5.37 -12.85
C GLU D 46 -30.34 -5.01 -11.37
N MET D 47 -29.51 -5.63 -10.53
CA MET D 47 -29.46 -5.27 -9.09
C MET D 47 -28.57 -4.05 -8.93
N ARG D 49 -27.17 -1.21 -6.18
CA ARG D 49 -27.27 -0.71 -4.78
C ARG D 49 -26.28 -1.45 -3.86
N SER D 50 -25.23 -2.11 -4.41
CA SER D 50 -24.12 -2.74 -3.64
C SER D 50 -23.26 -1.63 -3.04
N ILE D 51 -22.52 -1.91 -1.95
CA ILE D 51 -21.83 -0.86 -1.14
C ILE D 51 -20.56 -1.42 -0.48
N THR D 52 -19.40 -1.36 -1.15
CA THR D 52 -18.04 -1.64 -0.58
C THR D 52 -17.03 -0.64 -1.13
N ALA D 58 -12.50 -6.89 1.73
CA ALA D 58 -12.43 -6.53 0.30
C ALA D 58 -11.15 -7.10 -0.29
N ALA D 59 -10.98 -6.91 -1.60
CA ALA D 59 -9.79 -7.40 -2.35
C ALA D 59 -8.70 -6.33 -2.41
N ASN D 60 -8.60 -5.46 -1.40
CA ASN D 60 -7.57 -4.41 -1.29
C ASN D 60 -6.24 -5.04 -0.90
N MET D 61 -6.29 -6.31 -0.49
CA MET D 61 -5.10 -7.07 -0.02
C MET D 61 -4.21 -7.38 -1.24
N ILE D 62 -2.90 -7.40 -1.01
CA ILE D 62 -1.84 -7.32 -2.06
C ILE D 62 -2.04 -8.38 -3.14
N LEU D 63 -2.29 -9.65 -2.77
CA LEU D 63 -2.44 -10.72 -3.79
C LEU D 63 -3.59 -10.36 -4.74
N ALA D 64 -4.78 -10.11 -4.22
CA ALA D 64 -5.99 -9.87 -5.02
C ALA D 64 -5.83 -8.58 -5.83
N GLN D 65 -5.26 -7.54 -5.23
CA GLN D 65 -5.00 -6.22 -5.90
C GLN D 65 -4.05 -6.39 -7.10
N GLY D 66 -2.99 -7.15 -6.93
CA GLY D 66 -2.02 -7.38 -8.01
C GLY D 66 -2.64 -8.19 -9.14
N LEU D 67 -3.41 -9.24 -8.82
CA LEU D 67 -4.11 -10.06 -9.84
C LEU D 67 -5.14 -9.21 -10.57
N LEU D 68 -5.83 -8.30 -9.88
CA LEU D 68 -6.76 -7.36 -10.53
C LEU D 68 -5.99 -6.44 -11.47
N GLU D 69 -4.79 -6.01 -11.08
CA GLU D 69 -3.94 -5.15 -11.93
C GLU D 69 -3.47 -5.97 -13.15
N GLN D 70 -3.21 -7.27 -12.96
CA GLN D 70 -2.82 -8.14 -14.10
C GLN D 70 -3.95 -8.14 -15.12
N ILE D 71 -5.17 -8.39 -14.67
CA ILE D 71 -6.35 -8.40 -15.60
C ILE D 71 -6.48 -7.02 -16.27
N LYS D 72 -6.26 -5.95 -15.53
CA LYS D 72 -6.44 -4.56 -16.01
C LYS D 72 -5.49 -4.25 -17.16
N GLN D 73 -4.28 -4.80 -17.17
CA GLN D 73 -3.28 -4.50 -18.22
C GLN D 73 -3.47 -5.43 -19.44
N MET D 74 -4.30 -6.45 -19.35
CA MET D 74 -4.47 -7.42 -20.46
C MET D 74 -5.35 -6.78 -21.53
N PRO D 75 -5.17 -7.14 -22.83
CA PRO D 75 -6.15 -6.77 -23.85
C PRO D 75 -7.49 -7.45 -23.53
N PHE D 76 -8.57 -6.91 -24.09
CA PHE D 76 -9.98 -7.38 -23.92
C PHE D 76 -10.09 -8.89 -24.09
N GLU D 77 -9.48 -9.41 -25.15
CA GLU D 77 -9.55 -10.86 -25.51
C GLU D 77 -8.92 -11.71 -24.39
N ALA D 78 -7.79 -11.32 -23.82
CA ALA D 78 -7.15 -12.08 -22.72
C ALA D 78 -7.95 -11.91 -21.43
N GLN D 79 -8.55 -10.75 -21.20
CA GLN D 79 -9.42 -10.55 -20.01
C GLN D 79 -10.58 -11.54 -20.07
N THR D 80 -11.27 -11.60 -21.21
CA THR D 80 -12.41 -12.51 -21.41
C THR D 80 -11.96 -13.94 -21.09
N GLN D 81 -10.83 -14.36 -21.65
CA GLN D 81 -10.31 -15.73 -21.48
C GLN D 81 -10.16 -16.04 -19.98
N VAL D 82 -9.53 -15.14 -19.21
CA VAL D 82 -9.39 -15.28 -17.73
C VAL D 82 -10.77 -15.50 -17.14
N MET D 83 -11.75 -14.70 -17.52
CA MET D 83 -13.09 -14.76 -16.90
C MET D 83 -13.77 -16.08 -17.27
N TYR D 84 -13.55 -16.59 -18.48
CA TYR D 84 -14.02 -17.93 -18.88
C TYR D 84 -13.32 -18.99 -18.03
N ASP D 85 -12.02 -18.85 -17.79
CA ASP D 85 -11.25 -19.84 -17.01
C ASP D 85 -11.87 -19.97 -15.62
N LEU D 86 -12.29 -18.84 -15.05
CA LEU D 86 -12.93 -18.80 -13.71
C LEU D 86 -14.28 -19.52 -13.78
N ALA D 87 -15.09 -19.24 -14.80
CA ALA D 87 -16.42 -19.87 -14.96
C ALA D 87 -16.31 -21.37 -15.30
N ASN D 88 -15.31 -21.76 -16.08
CA ASN D 88 -15.04 -23.18 -16.41
C ASN D 88 -14.28 -23.90 -15.27
N ARG D 89 -13.82 -23.19 -14.25
CA ARG D 89 -13.06 -23.77 -13.12
C ARG D 89 -11.84 -24.49 -13.68
N ALA D 90 -11.15 -23.88 -14.64
CA ALA D 90 -9.95 -24.44 -15.30
C ALA D 90 -8.79 -24.45 -14.30
N ASP D 91 -7.79 -25.27 -14.55
CA ASP D 91 -6.57 -25.33 -13.72
C ASP D 91 -5.57 -24.31 -14.25
N THR D 92 -5.62 -23.08 -13.75
CA THR D 92 -4.63 -22.01 -14.05
C THR D 92 -4.25 -21.30 -12.77
N PRO D 93 -3.05 -20.69 -12.72
CA PRO D 93 -2.60 -19.99 -11.50
C PRO D 93 -3.64 -18.98 -11.02
N LEU D 94 -4.24 -18.21 -11.93
CA LEU D 94 -5.29 -17.22 -11.58
C LEU D 94 -6.48 -17.94 -10.92
N CYS D 95 -6.94 -19.05 -11.49
CA CYS D 95 -8.02 -19.86 -10.87
C CYS D 95 -7.64 -20.44 -9.49
N ARG D 96 -6.43 -20.96 -9.34
CA ARG D 96 -5.92 -21.49 -8.06
C ARG D 96 -5.79 -20.36 -7.03
N SER D 97 -5.26 -19.20 -7.43
CA SER D 97 -5.19 -18.02 -6.53
C SER D 97 -6.59 -17.60 -6.10
N TYR D 98 -7.52 -17.51 -7.06
CA TYR D 98 -8.91 -17.12 -6.76
C TYR D 98 -9.50 -18.10 -5.74
N ALA D 99 -9.18 -19.38 -5.87
CA ALA D 99 -9.74 -20.41 -4.96
C ALA D 99 -9.17 -20.18 -3.57
N SER D 100 -7.93 -19.72 -3.49
CA SER D 100 -7.24 -19.43 -2.21
C SER D 100 -7.87 -18.24 -1.46
N PHE D 101 -8.65 -17.40 -2.13
CA PHE D 101 -9.22 -16.16 -1.55
C PHE D 101 -10.29 -16.54 -0.53
N THR D 102 -10.48 -15.71 0.50
CA THR D 102 -11.64 -15.78 1.37
C THR D 102 -12.88 -15.34 0.57
N VAL D 103 -14.05 -15.63 1.11
CA VAL D 103 -15.37 -15.27 0.51
C VAL D 103 -15.41 -13.78 0.20
N ASN D 104 -15.08 -12.89 1.15
CA ASN D 104 -15.17 -11.42 0.91
C ASN D 104 -14.15 -10.96 -0.15
N ILE D 105 -13.01 -11.60 -0.28
CA ILE D 105 -12.01 -11.21 -1.31
C ILE D 105 -12.56 -11.65 -2.68
N LYS D 106 -13.15 -12.83 -2.77
CA LYS D 106 -13.74 -13.31 -4.05
C LYS D 106 -14.84 -12.33 -4.50
N LEU D 107 -15.71 -11.90 -3.57
CA LEU D 107 -16.80 -10.95 -3.89
C LEU D 107 -16.23 -9.60 -4.31
N GLY D 108 -15.23 -9.07 -3.60
CA GLY D 108 -14.56 -7.80 -3.94
C GLY D 108 -13.86 -7.87 -5.29
N PHE D 109 -13.28 -9.02 -5.62
CA PHE D 109 -12.61 -9.24 -6.93
C PHE D 109 -13.62 -9.08 -8.06
N TRP D 110 -14.74 -9.80 -8.00
CA TRP D 110 -15.78 -9.76 -9.04
C TRP D 110 -16.39 -8.37 -9.07
N TYR D 111 -16.56 -7.74 -7.91
CA TYR D 111 -17.12 -6.38 -7.82
C TYR D 111 -16.24 -5.39 -8.62
N GLN D 112 -14.93 -5.51 -8.49
CA GLN D 112 -13.98 -4.63 -9.20
C GLN D 112 -14.09 -4.89 -10.70
N LEU D 113 -14.19 -6.15 -11.12
CA LEU D 113 -14.29 -6.46 -12.58
C LEU D 113 -15.58 -5.86 -13.14
N GLY D 114 -16.68 -5.91 -12.40
CA GLY D 114 -17.94 -5.33 -12.88
C GLY D 114 -17.87 -3.84 -13.00
N GLU D 115 -17.22 -3.16 -12.05
CA GLU D 115 -17.01 -1.70 -12.11
C GLU D 115 -16.14 -1.40 -13.32
N TRP D 116 -15.05 -2.15 -13.52
CA TRP D 116 -14.19 -1.91 -14.71
C TRP D 116 -14.97 -2.18 -16.01
N MET D 117 -15.84 -3.19 -16.07
CA MET D 117 -16.61 -3.43 -17.33
C MET D 117 -17.50 -2.21 -17.63
N ALA D 118 -18.17 -1.67 -16.60
CA ALA D 118 -19.04 -0.49 -16.72
C ALA D 118 -18.22 0.71 -17.18
N GLN D 119 -16.94 0.78 -16.85
CA GLN D 119 -16.04 1.90 -17.21
C GLN D 119 -15.28 1.62 -18.51
N GLY D 120 -15.50 0.48 -19.17
CA GLY D 120 -14.82 0.20 -20.44
C GLY D 120 -13.36 -0.18 -20.26
N ILE D 121 -12.95 -0.48 -19.03
CA ILE D 121 -11.57 -0.94 -18.70
C ILE D 121 -11.44 -2.48 -18.84
N VAL D 122 -12.52 -3.20 -18.60
CA VAL D 122 -12.56 -4.67 -18.78
C VAL D 122 -13.57 -4.95 -19.89
N ALA D 123 -13.23 -5.87 -20.76
CA ALA D 123 -14.04 -6.31 -21.93
C ALA D 123 -15.50 -6.46 -21.55
N PRO D 124 -16.43 -5.86 -22.33
CA PRO D 124 -17.86 -6.00 -22.06
C PRO D 124 -18.37 -7.37 -22.54
N ILE D 125 -19.55 -7.77 -22.09
CA ILE D 125 -20.35 -8.82 -22.78
C ILE D 125 -20.66 -8.26 -24.16
N PRO D 126 -20.39 -8.97 -25.27
CA PRO D 126 -20.64 -8.39 -26.60
C PRO D 126 -22.12 -7.95 -26.75
N GLU D 127 -22.31 -6.74 -27.26
CA GLU D 127 -23.67 -6.30 -27.63
C GLU D 127 -24.06 -7.27 -28.74
N GLY D 128 -25.18 -7.96 -28.63
CA GLY D 128 -25.44 -8.90 -29.74
C GLY D 128 -24.99 -10.29 -29.37
N TYR D 129 -24.42 -10.44 -28.17
CA TYR D 129 -24.26 -11.82 -27.66
C TYR D 129 -25.67 -12.15 -27.19
N LYS D 130 -26.14 -13.34 -27.53
CA LYS D 130 -27.52 -13.72 -27.13
C LYS D 130 -27.41 -14.96 -26.23
N LEU D 131 -28.10 -14.97 -25.09
CA LEU D 131 -28.07 -16.09 -24.10
C LEU D 131 -28.45 -17.41 -24.82
N SER D 132 -27.84 -18.53 -24.47
CA SER D 132 -28.40 -19.86 -24.84
C SER D 132 -29.79 -19.95 -24.24
N PRO D 133 -30.71 -20.74 -24.84
CA PRO D 133 -32.05 -20.95 -24.25
C PRO D 133 -32.09 -21.21 -22.72
N LYS D 134 -31.29 -22.19 -22.24
CA LYS D 134 -31.22 -22.60 -20.80
C LYS D 134 -30.86 -21.39 -19.93
N ALA D 135 -29.77 -20.71 -20.30
CA ALA D 135 -29.24 -19.50 -19.64
C ALA D 135 -30.38 -18.48 -19.48
N ALA D 136 -31.22 -18.29 -20.51
CA ALA D 136 -32.30 -17.27 -20.51
C ALA D 136 -33.37 -17.67 -19.47
N ASP D 137 -33.47 -18.98 -19.23
CA ASP D 137 -34.40 -19.57 -18.24
C ASP D 137 -33.84 -19.25 -16.85
N VAL D 138 -32.57 -19.63 -16.66
CA VAL D 138 -31.82 -19.38 -15.39
C VAL D 138 -32.02 -17.92 -15.00
N LEU D 139 -31.73 -16.98 -15.91
CA LEU D 139 -31.90 -15.51 -15.71
C LEU D 139 -33.32 -15.17 -15.26
N GLN D 140 -34.31 -15.74 -15.94
CA GLN D 140 -35.75 -15.47 -15.66
C GLN D 140 -36.02 -15.95 -14.23
N ALA D 141 -35.57 -17.17 -13.90
CA ALA D 141 -35.71 -17.76 -12.54
C ALA D 141 -35.17 -16.80 -11.46
N ILE D 142 -34.11 -16.04 -11.77
CA ILE D 142 -33.44 -15.12 -10.79
C ILE D 142 -34.32 -13.87 -10.61
N ARG D 143 -34.86 -13.32 -11.71
CA ARG D 143 -35.65 -12.04 -11.73
C ARG D 143 -36.85 -12.13 -10.78
N ASN D 144 -37.45 -13.31 -10.66
CA ASN D 144 -38.70 -13.57 -9.89
C ASN D 144 -38.40 -13.72 -8.39
N ALA D 145 -37.35 -14.49 -8.04
CA ALA D 145 -36.84 -14.61 -6.65
C ALA D 145 -36.75 -13.22 -6.02
N ASP D 146 -36.91 -13.13 -4.69
CA ASP D 146 -36.81 -11.87 -3.88
C ASP D 146 -35.35 -11.53 -3.59
N SER D 147 -35.09 -10.31 -3.11
CA SER D 147 -33.76 -9.66 -2.95
C SER D 147 -32.78 -10.61 -2.26
N GLY D 148 -33.10 -11.02 -1.02
CA GLY D 148 -32.31 -11.95 -0.21
C GLY D 148 -31.90 -13.18 -1.01
N GLN D 149 -32.84 -13.74 -1.77
CA GLN D 149 -32.59 -14.97 -2.56
C GLN D 149 -31.70 -14.65 -3.77
N GLN D 150 -31.85 -13.46 -4.36
CA GLN D 150 -31.03 -13.02 -5.54
C GLN D 150 -29.56 -12.85 -5.14
N ILE D 151 -29.33 -12.14 -4.03
CA ILE D 151 -28.00 -11.88 -3.40
C ILE D 151 -27.31 -13.22 -3.13
N THR D 152 -28.06 -14.20 -2.59
CA THR D 152 -27.53 -15.52 -2.18
C THR D 152 -27.20 -16.30 -3.45
N ILE D 153 -28.06 -16.25 -4.47
CA ILE D 153 -27.70 -16.92 -5.74
C ILE D 153 -26.37 -16.32 -6.27
N LEU D 154 -26.27 -14.99 -6.28
CA LEU D 154 -25.12 -14.26 -6.87
C LEU D 154 -23.85 -14.62 -6.06
N ARG D 155 -23.96 -14.57 -4.73
CA ARG D 155 -22.87 -14.93 -3.77
C ARG D 155 -22.37 -16.36 -4.04
N ASN D 156 -23.25 -17.37 -4.06
CA ASN D 156 -22.83 -18.79 -4.09
C ASN D 156 -22.31 -19.14 -5.47
N THR D 157 -22.81 -18.46 -6.48
CA THR D 157 -22.33 -18.63 -7.87
C THR D 157 -20.87 -18.19 -7.93
N VAL D 158 -20.54 -17.01 -7.46
CA VAL D 158 -19.16 -16.46 -7.70
C VAL D 158 -18.17 -17.14 -6.76
N ILE D 159 -18.61 -17.49 -5.57
CA ILE D 159 -17.76 -18.23 -4.59
C ILE D 159 -17.30 -19.57 -5.18
N SER D 160 -18.12 -20.27 -5.97
CA SER D 160 -17.78 -21.62 -6.52
C SER D 160 -16.98 -21.52 -7.83
N MET D 161 -16.63 -20.30 -8.27
CA MET D 161 -15.78 -20.11 -9.47
C MET D 161 -14.33 -20.31 -9.10
N GLY D 162 -13.44 -20.37 -10.11
CA GLY D 162 -12.07 -20.86 -9.93
C GLY D 162 -12.08 -22.32 -9.53
N PHE D 163 -10.98 -22.76 -8.96
CA PHE D 163 -10.72 -24.19 -8.69
C PHE D 163 -11.28 -24.57 -7.33
N ASP D 164 -11.29 -25.87 -7.03
CA ASP D 164 -11.63 -26.42 -5.70
C ASP D 164 -10.51 -25.95 -4.76
N PRO D 165 -10.81 -25.17 -3.70
CA PRO D 165 -9.77 -24.64 -2.81
C PRO D 165 -9.01 -25.70 -2.00
N ASN D 166 -9.58 -26.91 -1.90
CA ASN D 166 -9.03 -28.02 -1.10
C ASN D 166 -8.47 -29.11 -2.02
N ALA D 167 -8.52 -28.92 -3.33
CA ALA D 167 -7.98 -29.89 -4.32
C ALA D 167 -6.50 -30.13 -4.08
N PRO D 168 -5.94 -31.24 -4.60
CA PRO D 168 -4.49 -31.39 -4.60
C PRO D 168 -3.91 -30.26 -5.48
N GLY D 169 -2.72 -29.79 -5.12
CA GLY D 169 -2.01 -28.68 -5.78
C GLY D 169 -2.55 -27.31 -5.39
N SER D 170 -3.45 -27.23 -4.39
CA SER D 170 -4.06 -25.94 -3.97
C SER D 170 -2.98 -24.97 -3.46
N TYR D 171 -3.24 -23.69 -3.55
CA TYR D 171 -2.34 -22.63 -3.08
C TYR D 171 -2.65 -22.35 -1.59
N LYS D 172 -1.69 -21.79 -0.86
CA LYS D 172 -1.90 -21.43 0.56
C LYS D 172 -3.07 -20.45 0.64
N LYS D 173 -4.08 -20.76 1.44
CA LYS D 173 -5.25 -19.90 1.67
C LYS D 173 -4.80 -18.54 2.20
N VAL D 174 -5.44 -17.48 1.72
CA VAL D 174 -5.16 -16.11 2.25
C VAL D 174 -5.91 -15.97 3.58
N THR D 175 -5.38 -15.18 4.52
CA THR D 175 -6.05 -14.88 5.82
C THR D 175 -6.37 -13.39 5.89
N GLU D 176 -7.51 -13.02 6.46
CA GLU D 176 -7.92 -11.62 6.69
C GLU D 176 -7.59 -11.28 8.13
N PRO D 177 -7.43 -9.99 8.47
CA PRO D 177 -7.30 -9.57 9.87
C PRO D 177 -8.59 -9.91 10.63
N VAL D 178 -8.48 -10.49 11.82
CA VAL D 178 -9.62 -10.67 12.77
C VAL D 178 -9.96 -9.26 13.30
N SER D 179 -11.14 -8.76 12.96
CA SER D 179 -11.68 -7.47 13.47
C SER D 179 -11.95 -7.57 14.97
N PRO D 180 -11.48 -6.59 15.77
CA PRO D 180 -11.80 -6.55 17.19
C PRO D 180 -13.31 -6.50 17.38
N PRO D 181 -13.89 -7.28 18.32
CA PRO D 181 -15.32 -7.20 18.61
C PRO D 181 -15.76 -5.81 19.08
N THR D 182 -17.05 -5.51 18.97
CA THR D 182 -17.64 -4.35 19.64
C THR D 182 -17.35 -4.49 21.13
N ALA D 183 -16.87 -3.42 21.78
CA ALA D 183 -16.57 -3.39 23.23
C ALA D 183 -17.88 -3.52 24.00
N PRO D 184 -17.90 -4.29 25.12
CA PRO D 184 -19.11 -4.51 25.92
C PRO D 184 -20.03 -3.31 26.08
N ALA D 185 -19.49 -2.11 26.30
CA ALA D 185 -20.29 -0.90 26.58
C ALA D 185 -21.10 -0.47 25.35
N PHE D 186 -20.73 -0.84 24.13
CA PHE D 186 -21.36 -0.27 22.90
C PHE D 186 -22.21 -1.32 22.17
N ARG D 187 -22.43 -2.48 22.81
CA ARG D 187 -23.24 -3.58 22.22
C ARG D 187 -24.71 -3.30 22.46
N THR D 188 -25.55 -3.67 21.49
CA THR D 188 -27.04 -3.69 21.57
C THR D 188 -27.45 -5.10 21.98
N LYS D 189 -28.44 -5.24 22.86
CA LYS D 189 -28.97 -6.57 23.25
C LYS D 189 -30.34 -6.73 22.56
N VAL D 190 -30.54 -7.84 21.85
CA VAL D 190 -31.80 -8.13 21.11
C VAL D 190 -32.83 -8.66 22.12
N THR D 191 -34.11 -8.36 21.87
CA THR D 191 -35.28 -9.02 22.50
C THR D 191 -35.97 -9.84 21.41
N ILE D 192 -36.47 -11.02 21.76
CA ILE D 192 -37.16 -11.93 20.82
C ILE D 192 -38.52 -12.31 21.43
N GLU D 193 -39.62 -11.87 20.81
CA GLU D 193 -41.00 -12.22 21.22
C GLU D 193 -41.06 -13.74 21.46
N GLY D 194 -41.42 -14.15 22.67
CA GLY D 194 -41.79 -15.54 23.02
C GLY D 194 -40.59 -16.39 23.41
N ILE D 195 -39.45 -15.78 23.74
CA ILE D 195 -38.14 -16.48 23.92
C ILE D 195 -37.29 -15.72 24.95
N ASN D 196 -36.72 -16.42 25.93
CA ASN D 196 -35.74 -15.82 26.88
C ASN D 196 -34.54 -16.77 27.07
N ASN D 197 -34.37 -17.73 26.16
CA ASN D 197 -33.27 -18.72 26.19
C ASN D 197 -31.92 -17.97 26.19
N ALA D 198 -31.11 -18.16 27.21
CA ALA D 198 -29.88 -17.38 27.46
C ALA D 198 -28.83 -17.77 26.43
N THR D 199 -28.83 -19.04 26.03
CA THR D 199 -27.87 -19.58 25.05
C THR D 199 -28.16 -18.92 23.72
N VAL D 200 -29.42 -18.95 23.29
CA VAL D 200 -29.90 -18.37 22.00
C VAL D 200 -29.63 -16.87 22.02
N LEU D 201 -30.06 -16.16 23.07
CA LEU D 201 -29.83 -14.70 23.15
C LEU D 201 -28.34 -14.40 23.19
N GLY D 202 -27.56 -15.17 23.94
CA GLY D 202 -26.08 -15.04 23.99
C GLY D 202 -25.41 -15.26 22.64
N TYR D 203 -25.85 -16.25 21.87
CA TYR D 203 -25.33 -16.48 20.50
C TYR D 203 -25.58 -15.23 19.63
N ILE D 204 -26.84 -14.79 19.57
CA ILE D 204 -27.28 -13.69 18.66
C ILE D 204 -26.53 -12.40 19.03
N ASN D 205 -26.51 -12.03 20.32
CA ASN D 205 -25.81 -10.81 20.79
C ASN D 205 -24.29 -10.89 20.51
N ASN D 206 -23.65 -12.04 20.69
CA ASN D 206 -22.19 -12.17 20.46
C ASN D 206 -21.89 -12.05 18.96
N MET D 207 -22.75 -12.59 18.12
CA MET D 207 -22.55 -12.54 16.65
C MET D 207 -22.76 -11.09 16.17
N ASN D 208 -23.73 -10.37 16.71
CA ASN D 208 -23.94 -8.95 16.33
C ASN D 208 -22.76 -8.08 16.74
N ALA D 209 -21.96 -8.48 17.73
CA ALA D 209 -20.75 -7.75 18.17
C ALA D 209 -19.50 -8.25 17.45
N ASN D 210 -19.62 -9.26 16.59
CA ASN D 210 -18.47 -9.91 15.91
C ASN D 210 -17.60 -10.61 16.95
N ASP D 211 -18.18 -11.00 18.09
CA ASP D 211 -17.45 -11.70 19.18
C ASP D 211 -17.59 -13.20 18.95
N PHE D 212 -16.90 -13.73 17.95
CA PHE D 212 -17.02 -15.14 17.50
C PHE D 212 -16.42 -16.07 18.56
N ASP D 213 -15.40 -15.65 19.31
CA ASP D 213 -14.81 -16.47 20.40
C ASP D 213 -15.88 -16.70 21.47
N ALA D 214 -16.66 -15.68 21.82
CA ALA D 214 -17.75 -15.84 22.81
C ALA D 214 -18.86 -16.71 22.20
N ALA D 215 -19.23 -16.51 20.93
CA ALA D 215 -20.32 -17.29 20.30
C ALA D 215 -19.90 -18.76 20.28
N VAL D 216 -18.66 -19.02 19.88
CA VAL D 216 -18.12 -20.40 19.68
C VAL D 216 -18.06 -21.13 21.04
N ALA D 217 -17.79 -20.40 22.13
CA ALA D 217 -17.73 -20.99 23.49
C ALA D 217 -19.12 -21.51 23.92
N LEU D 218 -20.18 -21.13 23.21
CA LEU D 218 -21.55 -21.61 23.52
C LEU D 218 -21.80 -23.02 22.97
N PHE D 219 -20.91 -23.56 22.14
CA PHE D 219 -21.16 -24.87 21.46
C PHE D 219 -20.51 -25.98 22.28
N ARG D 220 -21.04 -27.19 22.19
CA ARG D 220 -20.27 -28.39 22.61
C ARG D 220 -18.97 -28.49 21.78
N SER D 221 -18.00 -29.26 22.27
CA SER D 221 -16.72 -29.60 21.60
C SER D 221 -16.97 -30.00 20.14
N GLU D 222 -17.92 -30.91 19.99
CA GLU D 222 -18.33 -31.44 18.67
C GLU D 222 -19.72 -30.91 18.33
N GLY D 223 -20.04 -29.70 18.77
CA GLY D 223 -21.24 -28.95 18.30
C GLY D 223 -21.08 -28.54 16.83
N ALA D 224 -22.19 -28.28 16.14
CA ALA D 224 -22.21 -28.08 14.67
C ALA D 224 -23.04 -26.86 14.30
N LEU D 225 -22.61 -26.17 13.25
CA LEU D 225 -23.35 -25.04 12.65
C LEU D 225 -23.59 -25.38 11.18
N GLN D 226 -24.82 -25.24 10.70
CA GLN D 226 -25.20 -25.49 9.28
C GLN D 226 -25.67 -24.19 8.64
N PRO D 227 -24.81 -23.56 7.81
CA PRO D 227 -25.23 -22.38 7.05
C PRO D 227 -26.22 -22.81 5.98
N PRO D 228 -27.00 -21.88 5.42
CA PRO D 228 -28.02 -22.20 4.41
C PRO D 228 -27.46 -23.03 3.24
N PHE D 229 -28.07 -24.20 3.00
CA PHE D 229 -27.84 -25.10 1.85
C PHE D 229 -26.40 -25.61 1.88
N GLU D 230 -25.78 -25.68 3.06
CA GLU D 230 -24.39 -26.20 3.24
C GLU D 230 -24.39 -27.42 4.17
N ARG D 231 -23.29 -28.18 4.13
CA ARG D 231 -22.90 -29.27 5.06
C ARG D 231 -22.75 -28.67 6.46
N PRO D 232 -23.16 -29.37 7.55
CA PRO D 232 -22.84 -28.91 8.89
C PRO D 232 -21.34 -28.78 9.10
N ILE D 233 -20.96 -27.70 9.77
CA ILE D 233 -19.55 -27.47 10.17
C ILE D 233 -19.40 -27.93 11.62
N VAL D 234 -18.48 -28.87 11.87
CA VAL D 234 -18.39 -29.59 13.16
C VAL D 234 -17.12 -29.18 13.91
N GLY D 235 -17.32 -28.68 15.13
CA GLY D 235 -16.26 -28.48 16.13
C GLY D 235 -15.96 -27.00 16.28
N GLN D 236 -15.54 -26.58 17.47
CA GLN D 236 -15.45 -25.15 17.82
C GLN D 236 -14.43 -24.48 16.87
N ASP D 237 -13.36 -25.18 16.50
CA ASP D 237 -12.28 -24.59 15.66
C ASP D 237 -12.81 -24.32 14.26
N ALA D 238 -13.51 -25.28 13.64
CA ALA D 238 -14.03 -25.11 12.26
C ALA D 238 -15.14 -24.04 12.27
N ILE D 239 -15.97 -24.00 13.32
CA ILE D 239 -17.06 -22.99 13.45
C ILE D 239 -16.39 -21.62 13.57
N ARG D 240 -15.38 -21.50 14.43
CA ARG D 240 -14.67 -20.20 14.62
C ARG D 240 -14.13 -19.70 13.25
N ALA D 241 -13.50 -20.58 12.48
CA ALA D 241 -12.90 -20.27 11.18
C ALA D 241 -14.02 -19.77 10.25
N TYR D 242 -15.18 -20.44 10.24
CA TYR D 242 -16.34 -20.08 9.36
C TYR D 242 -16.87 -18.71 9.78
N MET D 243 -17.04 -18.46 11.09
CA MET D 243 -17.59 -17.17 11.58
C MET D 243 -16.66 -16.02 11.15
N ARG D 244 -15.36 -16.21 11.29
CA ARG D 244 -14.35 -15.15 10.99
C ARG D 244 -14.40 -14.82 9.49
N GLU D 245 -14.56 -15.82 8.63
CA GLU D 245 -14.56 -15.62 7.16
C GLU D 245 -15.92 -15.08 6.66
N GLU D 246 -17.05 -15.57 7.19
CA GLU D 246 -18.37 -15.38 6.56
C GLU D 246 -19.31 -14.49 7.39
N CYS D 247 -19.04 -14.21 8.68
CA CYS D 247 -20.07 -13.53 9.55
C CYS D 247 -19.66 -12.12 9.98
N GLN D 248 -18.55 -11.58 9.48
CA GLN D 248 -18.06 -10.25 9.92
C GLN D 248 -19.09 -9.19 9.48
N GLY D 249 -19.60 -8.40 10.44
CA GLY D 249 -20.49 -7.27 10.15
C GLY D 249 -21.92 -7.71 9.83
N LEU D 250 -22.27 -9.00 9.94
CA LEU D 250 -23.69 -9.44 9.79
C LEU D 250 -24.49 -8.84 10.94
N LYS D 251 -25.71 -8.38 10.68
CA LYS D 251 -26.62 -7.86 11.72
C LYS D 251 -27.86 -8.76 11.75
N MET D 252 -28.05 -9.47 12.85
CA MET D 252 -29.17 -10.43 13.03
C MET D 252 -30.27 -9.67 13.77
N ILE D 253 -31.47 -9.64 13.19
CA ILE D 253 -32.63 -8.84 13.70
C ILE D 253 -33.76 -9.85 13.86
N PRO D 254 -33.71 -10.64 14.94
CA PRO D 254 -34.76 -11.63 15.21
C PRO D 254 -36.05 -10.88 15.53
N GLU D 255 -37.21 -11.48 15.21
CA GLU D 255 -38.56 -10.92 15.54
C GLU D 255 -39.28 -11.86 16.53
N ARG D 256 -39.32 -13.17 16.26
CA ARG D 256 -40.14 -14.15 17.02
C ARG D 256 -39.37 -15.46 17.22
N GLY D 257 -39.79 -16.26 18.20
CA GLY D 257 -39.28 -17.63 18.34
C GLY D 257 -40.20 -18.50 19.19
N ILE D 258 -39.99 -19.82 19.12
CA ILE D 258 -40.63 -20.84 20.00
C ILE D 258 -39.57 -21.77 20.57
N SER D 259 -39.80 -22.21 21.81
CA SER D 259 -38.97 -23.18 22.55
C SER D 259 -39.83 -24.41 22.85
N GLU D 260 -39.26 -25.61 22.81
CA GLU D 260 -39.97 -26.88 23.06
C GLU D 260 -38.99 -27.85 23.71
N PRO D 261 -39.33 -28.40 24.89
CA PRO D 261 -38.52 -29.44 25.48
C PRO D 261 -38.66 -30.67 24.57
N VAL D 262 -37.61 -31.47 24.47
CA VAL D 262 -37.65 -32.72 23.65
C VAL D 262 -37.09 -33.88 24.50
N GLU D 263 -36.55 -34.92 23.88
CA GLU D 263 -36.05 -36.06 24.68
C GLU D 263 -34.75 -35.72 25.41
N ASP D 264 -34.50 -36.43 26.50
CA ASP D 264 -33.19 -36.42 27.23
C ASP D 264 -32.88 -35.05 27.85
N GLY D 265 -33.86 -34.16 28.07
CA GLY D 265 -33.62 -32.85 28.71
C GLY D 265 -33.02 -31.82 27.73
N TYR D 266 -33.02 -32.10 26.43
CA TYR D 266 -32.57 -31.14 25.37
C TYR D 266 -33.75 -30.17 25.12
N THR D 267 -33.47 -29.02 24.54
CA THR D 267 -34.48 -27.99 24.17
C THR D 267 -34.30 -27.67 22.69
N GLN D 268 -35.37 -27.56 21.91
CA GLN D 268 -35.24 -27.06 20.51
C GLN D 268 -35.91 -25.69 20.43
N VAL D 269 -35.24 -24.76 19.76
CA VAL D 269 -35.68 -23.35 19.64
C VAL D 269 -35.55 -22.99 18.16
N LYS D 270 -36.62 -22.42 17.61
CA LYS D 270 -36.60 -21.84 16.25
C LYS D 270 -36.85 -20.35 16.44
N VAL D 271 -36.06 -19.52 15.76
CA VAL D 271 -36.21 -18.06 15.76
C VAL D 271 -36.28 -17.66 14.28
N THR D 272 -37.18 -16.73 13.97
CA THR D 272 -37.28 -16.13 12.62
C THR D 272 -36.93 -14.64 12.74
N GLY D 273 -36.39 -14.08 11.65
CA GLY D 273 -36.24 -12.63 11.50
C GLY D 273 -35.44 -12.30 10.25
N LYS D 274 -34.76 -11.16 10.30
CA LYS D 274 -33.97 -10.60 9.18
C LYS D 274 -32.48 -10.64 9.53
N VAL D 275 -31.64 -10.82 8.53
CA VAL D 275 -30.17 -10.58 8.60
C VAL D 275 -29.83 -9.57 7.49
N GLN D 276 -29.15 -8.49 7.84
CA GLN D 276 -28.50 -7.57 6.87
C GLN D 276 -27.01 -7.90 6.77
N THR D 277 -26.44 -7.71 5.58
CA THR D 277 -25.01 -7.92 5.23
C THR D 277 -24.42 -6.53 4.96
N PRO D 278 -23.10 -6.33 5.21
CA PRO D 278 -22.47 -5.05 4.91
C PRO D 278 -22.46 -4.72 3.41
N TRP D 279 -22.50 -5.72 2.52
CA TRP D 279 -22.52 -5.57 1.05
C TRP D 279 -23.70 -4.70 0.58
N PHE D 280 -24.85 -4.76 1.26
CA PHE D 280 -26.07 -4.01 0.89
C PHE D 280 -26.63 -3.20 2.07
N GLY D 281 -26.07 -3.30 3.27
CA GLY D 281 -26.61 -2.65 4.48
C GLY D 281 -28.11 -2.91 4.64
N ALA D 282 -28.85 -1.89 5.12
CA ALA D 282 -30.30 -1.91 5.44
C ALA D 282 -31.17 -2.13 4.19
N SER D 283 -30.59 -2.19 2.99
CA SER D 283 -31.33 -2.22 1.70
C SER D 283 -31.80 -3.64 1.36
N VAL D 284 -31.23 -4.69 1.98
CA VAL D 284 -31.64 -6.11 1.77
C VAL D 284 -31.70 -6.80 3.14
N GLY D 285 -32.90 -6.99 3.71
CA GLY D 285 -33.06 -7.88 4.88
C GLY D 285 -33.37 -9.30 4.42
N MET D 286 -32.41 -10.22 4.49
CA MET D 286 -32.65 -11.63 4.12
C MET D 286 -33.58 -12.26 5.16
N ASN D 287 -34.48 -13.14 4.72
CA ASN D 287 -35.50 -13.81 5.58
C ASN D 287 -34.90 -15.09 6.14
N ILE D 288 -34.71 -15.14 7.47
CA ILE D 288 -33.93 -16.24 8.08
C ILE D 288 -34.72 -16.91 9.21
N ALA D 289 -34.49 -18.20 9.34
CA ALA D 289 -34.73 -18.97 10.58
C ALA D 289 -33.42 -19.54 11.09
N TRP D 290 -33.26 -19.48 12.41
CA TRP D 290 -32.29 -20.26 13.21
C TRP D 290 -33.03 -21.38 13.94
N ARG D 291 -32.62 -22.63 13.72
CA ARG D 291 -33.07 -23.82 14.48
C ARG D 291 -31.92 -24.31 15.38
N PHE D 292 -32.08 -24.20 16.71
CA PHE D 292 -31.11 -24.65 17.74
C PHE D 292 -31.59 -25.93 18.40
N LEU D 293 -30.68 -26.90 18.55
CA LEU D 293 -30.82 -27.97 19.57
C LEU D 293 -29.82 -27.69 20.70
N ILE D 294 -30.36 -27.39 21.91
CA ILE D 294 -29.61 -27.03 23.14
C ILE D 294 -29.61 -28.21 24.10
N ASP D 295 -28.44 -28.61 24.58
CA ASP D 295 -28.29 -29.74 25.55
C ASP D 295 -28.75 -29.26 26.93
N PRO D 296 -28.93 -30.20 27.89
CA PRO D 296 -29.37 -29.86 29.26
C PRO D 296 -28.52 -28.80 30.00
N GLN D 297 -27.23 -28.74 29.70
CA GLN D 297 -26.30 -27.78 30.36
C GLN D 297 -26.35 -26.43 29.61
N GLY D 298 -27.15 -26.29 28.55
CA GLY D 298 -27.30 -25.02 27.81
C GLY D 298 -26.25 -24.83 26.70
N LYS D 299 -25.50 -25.88 26.34
CA LYS D 299 -24.54 -25.84 25.21
C LYS D 299 -25.28 -26.11 23.88
N ILE D 300 -24.87 -25.44 22.81
CA ILE D 300 -25.46 -25.68 21.48
C ILE D 300 -24.89 -27.02 20.97
N PHE D 301 -25.76 -27.96 20.69
CA PHE D 301 -25.44 -29.26 20.06
C PHE D 301 -25.39 -29.04 18.55
N PHE D 302 -26.32 -28.22 18.08
CA PHE D 302 -26.56 -27.99 16.62
C PHE D 302 -27.33 -26.69 16.43
N VAL D 303 -26.93 -25.91 15.42
CA VAL D 303 -27.78 -24.79 14.94
C VAL D 303 -27.75 -24.74 13.41
N ALA D 304 -28.93 -24.71 12.80
CA ALA D 304 -29.15 -24.56 11.34
C ALA D 304 -29.57 -23.10 11.11
N ILE D 305 -28.96 -22.45 10.11
CA ILE D 305 -29.39 -21.12 9.59
C ILE D 305 -30.00 -21.41 8.22
N ASP D 306 -31.27 -21.05 8.04
CA ASP D 306 -32.10 -21.40 6.86
C ASP D 306 -32.49 -20.11 6.16
N LEU D 307 -32.34 -20.03 4.84
CA LEU D 307 -32.91 -18.91 4.04
C LEU D 307 -34.35 -19.30 3.68
N LEU D 308 -35.33 -18.50 4.07
CA LEU D 308 -36.77 -18.90 4.03
C LEU D 308 -37.37 -18.71 2.62
N ALA D 309 -38.40 -19.50 2.32
CA ALA D 309 -39.15 -19.45 1.04
C ALA D 309 -39.61 -18.01 0.77
N SER D 310 -40.21 -17.35 1.74
CA SER D 310 -40.84 -16.00 1.55
C SER D 310 -41.07 -15.34 2.91
N PRO D 311 -41.42 -14.03 2.94
CA PRO D 311 -41.67 -13.30 4.18
C PRO D 311 -42.79 -13.84 5.11
N LYS D 312 -43.53 -14.83 4.61
CA LYS D 312 -44.67 -15.46 5.32
C LYS D 312 -44.13 -16.50 6.29
N GLU D 313 -43.01 -17.10 5.94
CA GLU D 313 -42.37 -18.13 6.81
C GLU D 313 -41.90 -17.50 8.11
N LEU D 314 -41.81 -16.16 8.15
CA LEU D 314 -41.43 -15.39 9.36
C LEU D 314 -42.46 -15.63 10.47
N LEU D 315 -43.68 -16.04 10.07
CA LEU D 315 -44.86 -16.24 10.96
C LEU D 315 -45.06 -17.74 11.24
N ASN D 316 -44.55 -18.63 10.37
CA ASN D 316 -44.68 -20.11 10.51
C ASN D 316 -43.71 -20.60 11.61
N LEU D 317 -44.12 -20.48 12.87
CA LEU D 317 -43.43 -21.05 14.06
C LEU D 317 -44.06 -22.41 14.39
N VAL D 318 -45.40 -22.43 14.51
CA VAL D 318 -46.27 -23.62 14.76
C VAL D 318 -45.46 -24.74 15.45
#